data_7E2M
#
_entry.id   7E2M
#
_cell.length_a   158.440
_cell.length_b   158.440
_cell.length_c   54.500
_cell.angle_alpha   90.000
_cell.angle_beta   90.000
_cell.angle_gamma   120.000
#
_symmetry.space_group_name_H-M   'P 63'
#
loop_
_entity.id
_entity.type
_entity.pdbx_description
1 polymer 'eIF-2-alpha kinase GCN2'
2 water water
#
_entity_poly.entity_id   1
_entity_poly.type   'polypeptide(L)'
_entity_poly.pdbx_seq_one_letter_code
;MGSSHHHHHHSGESYPQRQDHELQALEAIYGADFQDLRPDACGPVKEPPEINLVLYPQGLTGEEVYVKVDLRVKCPPTYP
DVVPEIELKNAKGLSNESVNLLKSRLEELAKKHCGEVMIFELAYHVQSFLSEHNK
;
_entity_poly.pdbx_strand_id   A,B,C,D,E,F
#
# COMPACT_ATOMS: atom_id res chain seq x y z
N HIS A 6 2.56 -4.07 37.01
CA HIS A 6 1.95 -3.18 36.02
C HIS A 6 0.46 -3.00 36.29
N HIS A 7 0.09 -1.84 36.84
CA HIS A 7 -1.30 -1.50 37.11
C HIS A 7 -1.78 -0.35 36.25
N HIS A 8 -1.04 0.00 35.20
CA HIS A 8 -1.42 1.08 34.30
C HIS A 8 -2.51 0.62 33.34
N HIS A 9 -3.17 1.60 32.73
CA HIS A 9 -4.16 1.36 31.70
C HIS A 9 -3.60 1.76 30.34
N HIS A 10 -3.92 0.98 29.31
CA HIS A 10 -3.31 1.19 28.00
C HIS A 10 -3.79 2.46 27.34
N SER A 11 -5.03 2.87 27.60
CA SER A 11 -5.62 3.98 26.86
C SER A 11 -5.09 5.34 27.33
N GLY A 12 -4.66 5.45 28.58
CA GLY A 12 -4.25 6.73 29.12
C GLY A 12 -2.76 6.94 29.24
N GLU A 13 -1.98 6.14 28.52
CA GLU A 13 -0.53 6.21 28.62
C GLU A 13 0.03 7.36 27.78
N SER A 14 1.11 7.96 28.28
CA SER A 14 1.83 8.98 27.53
C SER A 14 2.89 8.34 26.65
N TYR A 15 3.43 9.13 25.73
CA TYR A 15 4.47 8.65 24.81
C TYR A 15 5.63 7.96 25.52
N PRO A 16 6.24 8.54 26.58
CA PRO A 16 7.34 7.82 27.24
C PRO A 16 6.91 6.53 27.91
N GLN A 17 5.68 6.47 28.43
CA GLN A 17 5.18 5.23 29.00
C GLN A 17 4.98 4.16 27.93
N ARG A 18 4.40 4.55 26.79
CA ARG A 18 4.18 3.59 25.71
C ARG A 18 5.50 3.05 25.17
N GLN A 19 6.53 3.91 25.09
CA GLN A 19 7.83 3.46 24.58
C GLN A 19 8.56 2.61 25.60
N ASP A 20 8.49 2.96 26.89
CA ASP A 20 9.13 2.15 27.92
C ASP A 20 8.48 0.79 28.04
N HIS A 21 7.16 0.71 27.84
CA HIS A 21 6.48 -0.58 27.95
C HIS A 21 6.78 -1.47 26.75
N GLU A 22 6.93 -0.89 25.56
CA GLU A 22 7.28 -1.68 24.40
C GLU A 22 8.68 -2.25 24.53
N LEU A 23 9.61 -1.49 25.09
CA LEU A 23 10.97 -1.98 25.29
C LEU A 23 10.98 -3.15 26.28
N GLN A 24 10.20 -3.06 27.35
CA GLN A 24 10.08 -4.18 28.27
C GLN A 24 9.47 -5.40 27.59
N ALA A 25 8.54 -5.18 26.66
CA ALA A 25 7.94 -6.30 25.93
C ALA A 25 8.92 -6.90 24.95
N LEU A 26 9.68 -6.05 24.25
CA LEU A 26 10.70 -6.56 23.32
C LEU A 26 11.79 -7.31 24.06
N GLU A 27 12.22 -6.79 25.22
CA GLU A 27 13.27 -7.47 25.99
C GLU A 27 12.78 -8.81 26.52
N ALA A 28 11.51 -8.90 26.90
CA ALA A 28 10.99 -10.17 27.42
C ALA A 28 10.82 -11.20 26.32
N ILE A 29 10.50 -10.78 25.10
CA ILE A 29 10.25 -11.71 24.01
C ILE A 29 11.54 -12.09 23.29
N TYR A 30 12.43 -11.13 23.05
CA TYR A 30 13.63 -11.38 22.27
C TYR A 30 14.87 -11.59 23.13
N GLY A 31 14.83 -11.25 24.41
CA GLY A 31 15.92 -11.53 25.33
C GLY A 31 17.27 -11.00 24.90
N ALA A 32 18.21 -11.91 24.65
CA ALA A 32 19.56 -11.50 24.29
C ALA A 32 19.65 -10.92 22.89
N ASP A 33 18.72 -11.26 22.00
CA ASP A 33 18.70 -10.69 20.66
C ASP A 33 18.25 -9.23 20.64
N PHE A 34 17.83 -8.69 21.78
CA PHE A 34 17.40 -7.31 21.89
C PHE A 34 18.46 -6.51 22.63
N GLN A 35 18.82 -5.34 22.09
CA GLN A 35 19.82 -4.48 22.69
C GLN A 35 19.30 -3.06 22.74
N ASP A 36 19.35 -2.46 23.93
CA ASP A 36 19.05 -1.04 24.11
C ASP A 36 20.33 -0.25 23.87
N LEU A 37 20.34 0.55 22.81
CA LEU A 37 21.53 1.28 22.40
C LEU A 37 21.68 2.62 23.11
N ARG A 38 20.91 2.86 24.16
CA ARG A 38 21.04 4.10 24.90
C ARG A 38 21.96 3.91 26.09
N PRO A 39 22.71 4.94 26.47
CA PRO A 39 23.51 4.86 27.70
C PRO A 39 22.64 4.88 28.94
N ASP A 40 23.26 4.84 30.12
CA ASP A 40 22.51 4.85 31.37
C ASP A 40 21.62 6.09 31.45
N ALA A 41 20.37 5.89 31.89
CA ALA A 41 19.42 6.99 31.99
C ALA A 41 19.94 8.07 32.93
N CYS A 42 20.27 9.24 32.37
CA CYS A 42 20.82 10.35 33.13
C CYS A 42 19.98 11.59 32.85
N GLY A 43 19.05 11.88 33.76
CA GLY A 43 18.19 13.04 33.63
C GLY A 43 16.75 12.74 33.95
N PRO A 44 15.92 13.77 34.02
CA PRO A 44 14.50 13.55 34.33
C PRO A 44 13.74 12.89 33.20
N VAL A 45 14.10 13.16 31.95
CA VAL A 45 13.46 12.55 30.79
C VAL A 45 14.48 11.64 30.11
N LYS A 46 14.01 10.52 29.59
CA LYS A 46 14.88 9.56 28.92
C LYS A 46 15.08 9.96 27.47
N GLU A 47 16.27 9.64 26.94
CA GLU A 47 16.54 9.86 25.54
C GLU A 47 15.63 8.99 24.69
N PRO A 48 15.33 9.40 23.45
CA PRO A 48 14.50 8.58 22.57
C PRO A 48 15.11 7.19 22.38
N PRO A 49 14.28 6.14 22.49
CA PRO A 49 14.84 4.78 22.47
C PRO A 49 15.36 4.40 21.09
N GLU A 50 16.56 3.84 21.06
CA GLU A 50 17.11 3.21 19.86
C GLU A 50 17.43 1.76 20.19
N ILE A 51 16.80 0.84 19.47
CA ILE A 51 16.89 -0.59 19.77
C ILE A 51 17.53 -1.30 18.59
N ASN A 52 18.10 -2.47 18.89
CA ASN A 52 18.69 -3.34 17.88
C ASN A 52 18.14 -4.74 18.08
N LEU A 53 17.53 -5.31 17.04
CA LEU A 53 16.93 -6.64 17.09
C LEU A 53 17.66 -7.53 16.10
N VAL A 54 18.38 -8.52 16.61
CA VAL A 54 18.98 -9.55 15.77
C VAL A 54 17.89 -10.55 15.43
N LEU A 55 17.45 -10.56 14.17
CA LEU A 55 16.30 -11.33 13.74
C LEU A 55 16.73 -12.46 12.81
N TYR A 56 16.12 -13.63 13.01
CA TYR A 56 16.33 -14.82 12.20
C TYR A 56 14.98 -15.30 11.68
N PRO A 57 14.98 -16.16 10.67
CA PRO A 57 13.71 -16.80 10.27
C PRO A 57 13.19 -17.68 11.39
N GLN A 58 11.86 -17.75 11.49
CA GLN A 58 11.22 -18.49 12.56
C GLN A 58 11.09 -19.97 12.19
N GLY A 59 11.11 -20.82 13.20
CA GLY A 59 11.00 -22.25 13.00
C GLY A 59 12.18 -22.85 12.27
N LEU A 60 13.39 -22.56 12.75
CA LEU A 60 14.61 -23.06 12.12
C LEU A 60 14.85 -24.51 12.53
N THR A 61 14.98 -25.39 11.54
CA THR A 61 15.22 -26.80 11.81
C THR A 61 16.68 -27.11 12.10
N GLY A 62 17.60 -26.25 11.68
CA GLY A 62 19.01 -26.53 11.74
C GLY A 62 19.58 -27.20 10.51
N GLU A 63 18.72 -27.73 9.63
CA GLU A 63 19.15 -28.34 8.39
C GLU A 63 19.12 -27.37 7.22
N GLU A 64 18.66 -26.14 7.43
CA GLU A 64 18.54 -25.15 6.37
C GLU A 64 19.61 -24.07 6.51
N VAL A 65 19.95 -23.46 5.39
CA VAL A 65 20.90 -22.36 5.34
C VAL A 65 20.10 -21.07 5.52
N TYR A 66 20.29 -20.41 6.66
CA TYR A 66 19.46 -19.28 7.07
C TYR A 66 20.19 -17.96 6.90
N VAL A 67 19.44 -16.92 6.54
CA VAL A 67 19.94 -15.57 6.46
C VAL A 67 19.50 -14.82 7.72
N LYS A 68 20.15 -13.68 7.97
CA LYS A 68 19.83 -12.89 9.15
C LYS A 68 20.07 -11.42 8.84
N VAL A 69 19.56 -10.56 9.72
CA VAL A 69 19.71 -9.10 9.58
C VAL A 69 19.35 -8.47 10.91
N ASP A 70 19.98 -7.35 11.22
CA ASP A 70 19.71 -6.61 12.44
C ASP A 70 18.69 -5.51 12.14
N LEU A 71 17.58 -5.52 12.87
CA LEU A 71 16.57 -4.48 12.76
C LEU A 71 16.90 -3.39 13.79
N ARG A 72 17.32 -2.22 13.32
CA ARG A 72 17.70 -1.12 14.18
C ARG A 72 16.66 -0.01 14.06
N VAL A 73 16.00 0.29 15.18
CA VAL A 73 14.89 1.24 15.20
C VAL A 73 15.15 2.30 16.26
N LYS A 74 14.94 3.56 15.88
CA LYS A 74 14.96 4.67 16.82
C LYS A 74 13.59 5.35 16.80
N CYS A 75 12.98 5.49 17.97
CA CYS A 75 11.62 6.03 18.06
C CYS A 75 11.66 7.52 18.35
N PRO A 76 10.95 8.33 17.58
CA PRO A 76 10.87 9.77 17.87
C PRO A 76 10.08 10.04 19.13
N PRO A 77 10.12 11.26 19.66
CA PRO A 77 9.39 11.53 20.92
C PRO A 77 7.89 11.27 20.83
N THR A 78 7.26 11.49 19.68
CA THR A 78 5.83 11.28 19.52
C THR A 78 5.50 9.90 18.95
N TYR A 79 6.47 9.00 18.91
CA TYR A 79 6.18 7.61 18.57
C TYR A 79 5.22 7.03 19.62
N PRO A 80 4.25 6.20 19.22
CA PRO A 80 4.02 5.69 17.87
C PRO A 80 3.01 6.49 17.03
N ASP A 81 2.79 7.76 17.36
CA ASP A 81 1.94 8.58 16.51
C ASP A 81 2.68 9.03 15.24
N VAL A 82 4.01 8.98 15.24
CA VAL A 82 4.81 9.16 14.04
C VAL A 82 5.62 7.89 13.82
N VAL A 83 6.00 7.66 12.57
CA VAL A 83 6.73 6.46 12.21
C VAL A 83 8.14 6.54 12.78
N PRO A 84 8.72 5.41 13.19
CA PRO A 84 10.10 5.42 13.70
C PRO A 84 11.10 5.32 12.57
N GLU A 85 12.35 5.68 12.89
CA GLU A 85 13.45 5.54 11.96
C GLU A 85 13.88 4.08 11.90
N ILE A 86 13.82 3.49 10.71
CA ILE A 86 14.07 2.06 10.51
C ILE A 86 15.35 1.90 9.70
N GLU A 87 16.24 1.03 10.17
CA GLU A 87 17.47 0.72 9.47
C GLU A 87 17.72 -0.79 9.57
N LEU A 88 18.22 -1.36 8.47
CA LEU A 88 18.58 -2.77 8.42
C LEU A 88 20.10 -2.89 8.37
N LYS A 89 20.67 -3.54 9.36
CA LYS A 89 22.12 -3.64 9.50
C LYS A 89 22.55 -5.10 9.56
N ASN A 90 23.83 -5.32 9.22
CA ASN A 90 24.49 -6.61 9.40
C ASN A 90 23.71 -7.73 8.73
N ALA A 91 23.35 -7.52 7.46
CA ALA A 91 22.63 -8.52 6.69
C ALA A 91 23.60 -9.60 6.24
N LYS A 92 23.31 -10.86 6.58
CA LYS A 92 24.12 -11.99 6.18
C LYS A 92 23.32 -12.87 5.23
N GLY A 93 23.80 -13.01 4.01
CA GLY A 93 23.12 -13.81 3.01
C GLY A 93 22.09 -13.07 2.18
N LEU A 94 21.90 -11.78 2.42
CA LEU A 94 20.94 -10.97 1.69
C LEU A 94 21.66 -9.97 0.80
N SER A 95 21.21 -9.85 -0.44
CA SER A 95 21.75 -8.83 -1.32
C SER A 95 21.30 -7.45 -0.85
N ASN A 96 22.05 -6.43 -1.27
CA ASN A 96 21.69 -5.06 -0.91
C ASN A 96 20.36 -4.65 -1.51
N GLU A 97 19.99 -5.25 -2.66
CA GLU A 97 18.67 -4.99 -3.23
C GLU A 97 17.58 -5.61 -2.38
N SER A 98 17.81 -6.82 -1.86
CA SER A 98 16.83 -7.45 -0.98
C SER A 98 16.68 -6.68 0.32
N VAL A 99 17.78 -6.17 0.87
CA VAL A 99 17.73 -5.40 2.10
C VAL A 99 16.95 -4.10 1.89
N ASN A 100 17.27 -3.39 0.81
CA ASN A 100 16.57 -2.14 0.52
C ASN A 100 15.11 -2.39 0.15
N LEU A 101 14.81 -3.53 -0.46
CA LEU A 101 13.42 -3.89 -0.71
C LEU A 101 12.67 -4.14 0.59
N LEU A 102 13.31 -4.82 1.54
CA LEU A 102 12.69 -5.06 2.83
C LEU A 102 12.48 -3.75 3.59
N LYS A 103 13.44 -2.84 3.50
CA LYS A 103 13.33 -1.58 4.23
C LYS A 103 12.17 -0.74 3.71
N SER A 104 11.98 -0.73 2.39
CA SER A 104 10.87 0.03 1.82
C SER A 104 9.52 -0.51 2.29
N ARG A 105 9.42 -1.84 2.46
CA ARG A 105 8.18 -2.43 2.94
C ARG A 105 7.98 -2.22 4.43
N LEU A 106 9.07 -2.19 5.21
CA LEU A 106 8.94 -1.87 6.63
C LEU A 106 8.47 -0.44 6.82
N GLU A 107 8.90 0.48 5.95
CA GLU A 107 8.53 1.88 6.08
C GLU A 107 7.06 2.10 5.72
N GLU A 108 6.56 1.39 4.71
CA GLU A 108 5.15 1.51 4.38
C GLU A 108 4.26 0.77 5.37
N LEU A 109 4.76 -0.34 5.93
CA LEU A 109 4.03 -1.01 7.00
C LEU A 109 3.96 -0.14 8.25
N ALA A 110 5.04 0.60 8.54
CA ALA A 110 5.05 1.48 9.69
C ALA A 110 4.08 2.65 9.51
N LYS A 111 3.89 3.11 8.28
CA LYS A 111 2.97 4.22 8.04
C LYS A 111 1.52 3.81 8.34
N LYS A 112 1.15 2.58 7.99
CA LYS A 112 -0.20 2.10 8.26
C LYS A 112 -0.39 1.69 9.72
N HIS A 113 0.70 1.45 10.44
CA HIS A 113 0.64 1.04 11.84
C HIS A 113 0.73 2.22 12.80
N CYS A 114 0.54 3.45 12.31
CA CYS A 114 0.61 4.62 13.16
C CYS A 114 -0.57 4.64 14.14
N GLY A 115 -0.28 5.00 15.39
CA GLY A 115 -1.25 5.01 16.46
C GLY A 115 -0.99 3.97 17.53
N GLU A 116 -0.23 2.93 17.21
CA GLU A 116 0.13 1.90 18.18
C GLU A 116 1.58 1.48 17.91
N VAL A 117 2.27 1.10 19.00
CA VAL A 117 3.66 0.67 18.87
C VAL A 117 3.74 -0.50 17.90
N MET A 118 4.80 -0.51 17.07
CA MET A 118 4.81 -1.34 15.88
C MET A 118 6.10 -2.14 15.69
N ILE A 119 7.04 -2.09 16.63
CA ILE A 119 8.31 -2.79 16.41
C ILE A 119 8.11 -4.30 16.36
N PHE A 120 7.10 -4.82 17.05
CA PHE A 120 6.82 -6.25 17.00
C PHE A 120 6.38 -6.66 15.60
N GLU A 121 5.46 -5.91 15.00
CA GLU A 121 5.00 -6.25 13.66
C GLU A 121 6.08 -6.02 12.62
N LEU A 122 6.93 -5.01 12.83
CA LEU A 122 8.09 -4.84 11.95
C LEU A 122 9.05 -6.01 12.08
N ALA A 123 9.27 -6.49 13.31
CA ALA A 123 10.16 -7.64 13.51
C ALA A 123 9.58 -8.89 12.87
N TYR A 124 8.26 -9.09 12.99
CA TYR A 124 7.64 -10.26 12.37
C TYR A 124 7.73 -10.19 10.85
N HIS A 125 7.55 -9.00 10.28
CA HIS A 125 7.67 -8.85 8.84
C HIS A 125 9.08 -9.18 8.36
N VAL A 126 10.08 -8.83 9.15
CA VAL A 126 11.46 -9.16 8.79
C VAL A 126 11.68 -10.67 8.83
N GLN A 127 11.20 -11.31 9.91
CA GLN A 127 11.40 -12.75 10.05
C GLN A 127 10.71 -13.52 8.93
N SER A 128 9.53 -13.07 8.50
CA SER A 128 8.87 -13.70 7.37
C SER A 128 9.66 -13.50 6.08
N PHE A 129 10.27 -12.32 5.94
CA PHE A 129 11.10 -12.08 4.76
C PHE A 129 12.33 -12.98 4.76
N LEU A 130 12.93 -13.19 5.92
CA LEU A 130 14.11 -14.07 6.00
C LEU A 130 13.74 -15.53 5.75
N SER A 131 12.52 -15.93 6.10
CA SER A 131 12.10 -17.31 5.92
C SER A 131 12.06 -17.69 4.44
N GLU A 132 11.70 -16.74 3.58
CA GLU A 132 11.60 -17.03 2.15
C GLU A 132 12.97 -17.19 1.48
N HIS A 133 14.06 -16.87 2.17
CA HIS A 133 15.40 -16.99 1.63
C HIS A 133 16.16 -18.18 2.18
N ASN A 134 15.50 -19.04 2.95
CA ASN A 134 16.16 -20.24 3.49
C ASN A 134 16.52 -21.18 2.35
N LYS A 135 17.82 -21.35 2.11
CA LYS A 135 18.29 -22.22 1.04
C LYS A 135 18.63 -23.60 1.57
N HIS B 6 16.54 -11.35 31.30
CA HIS B 6 16.24 -12.09 30.08
C HIS B 6 17.51 -12.28 29.24
N HIS B 7 18.14 -13.44 29.37
CA HIS B 7 19.35 -13.76 28.64
C HIS B 7 19.16 -14.89 27.64
N HIS B 8 17.91 -15.25 27.32
CA HIS B 8 17.64 -16.29 26.36
C HIS B 8 17.77 -15.77 24.94
N HIS B 9 17.85 -16.71 23.99
CA HIS B 9 17.85 -16.40 22.58
C HIS B 9 16.51 -16.80 21.98
N HIS B 10 16.05 -16.02 20.99
CA HIS B 10 14.68 -16.14 20.52
C HIS B 10 14.48 -17.33 19.58
N SER B 11 15.49 -17.69 18.78
CA SER B 11 15.26 -18.68 17.73
C SER B 11 15.14 -20.10 18.28
N GLY B 12 15.86 -20.41 19.35
CA GLY B 12 15.84 -21.75 19.92
C GLY B 12 14.80 -21.99 20.99
N GLU B 13 13.90 -21.04 21.23
CA GLU B 13 12.92 -21.17 22.30
C GLU B 13 11.97 -22.32 22.03
N SER B 14 11.45 -22.90 23.12
CA SER B 14 10.40 -23.89 23.04
C SER B 14 9.03 -23.20 23.06
N TYR B 15 8.01 -23.95 22.69
CA TYR B 15 6.65 -23.41 22.69
C TYR B 15 6.22 -22.89 24.07
N PRO B 16 6.44 -23.60 25.17
CA PRO B 16 6.09 -23.01 26.48
C PRO B 16 6.89 -21.74 26.79
N GLN B 17 8.15 -21.68 26.37
CA GLN B 17 8.96 -20.49 26.64
C GLN B 17 8.44 -19.29 25.86
N ARG B 18 8.07 -19.49 24.59
CA ARG B 18 7.56 -18.38 23.79
C ARG B 18 6.22 -17.89 24.30
N GLN B 19 5.33 -18.80 24.70
CA GLN B 19 4.03 -18.39 25.21
C GLN B 19 4.17 -17.68 26.55
N ASP B 20 5.05 -18.17 27.42
CA ASP B 20 5.26 -17.51 28.71
C ASP B 20 5.87 -16.12 28.52
N HIS B 21 6.73 -15.96 27.51
CA HIS B 21 7.34 -14.65 27.26
C HIS B 21 6.32 -13.70 26.65
N GLU B 22 5.40 -14.20 25.84
CA GLU B 22 4.36 -13.34 25.29
C GLU B 22 3.42 -12.84 26.37
N LEU B 23 3.14 -13.67 27.38
CA LEU B 23 2.30 -13.24 28.48
C LEU B 23 2.96 -12.13 29.29
N GLN B 24 4.28 -12.22 29.49
CA GLN B 24 5.00 -11.14 30.16
C GLN B 24 4.98 -9.88 29.31
N ALA B 25 5.05 -10.02 27.98
CA ALA B 25 4.99 -8.85 27.11
C ALA B 25 3.61 -8.22 27.13
N LEU B 26 2.56 -9.04 27.14
CA LEU B 26 1.20 -8.51 27.20
C LEU B 26 0.93 -7.81 28.52
N GLU B 27 1.49 -8.34 29.61
CA GLU B 27 1.30 -7.71 30.92
C GLU B 27 2.00 -6.37 31.00
N ALA B 28 3.17 -6.24 30.36
CA ALA B 28 3.88 -4.97 30.38
C ALA B 28 3.21 -3.93 29.49
N ILE B 29 2.53 -4.37 28.44
CA ILE B 29 1.93 -3.42 27.50
C ILE B 29 0.57 -2.96 27.99
N TYR B 30 -0.28 -3.90 28.41
CA TYR B 30 -1.66 -3.59 28.74
C TYR B 30 -1.93 -3.45 30.23
N GLY B 31 -1.07 -4.02 31.07
CA GLY B 31 -1.19 -3.80 32.51
C GLY B 31 -2.52 -4.28 33.06
N ALA B 32 -3.28 -3.35 33.62
CA ALA B 32 -4.56 -3.69 34.24
C ALA B 32 -5.60 -4.14 33.24
N ASP B 33 -5.46 -3.78 31.97
CA ASP B 33 -6.34 -4.28 30.92
C ASP B 33 -6.06 -5.72 30.56
N PHE B 34 -4.96 -6.29 31.05
CA PHE B 34 -4.59 -7.68 30.81
C PHE B 34 -4.91 -8.52 32.04
N GLN B 35 -5.40 -9.73 31.80
CA GLN B 35 -5.77 -10.65 32.88
C GLN B 35 -5.41 -12.06 32.47
N ASP B 36 -4.60 -12.74 33.29
CA ASP B 36 -4.26 -14.14 33.09
C ASP B 36 -5.38 -14.99 33.68
N LEU B 37 -6.12 -15.70 32.82
CA LEU B 37 -7.23 -16.52 33.28
C LEU B 37 -6.80 -17.87 33.83
N ARG B 38 -5.52 -18.22 33.71
CA ARG B 38 -4.97 -19.46 34.29
C ARG B 38 -3.68 -19.12 35.02
N PRO B 39 -3.76 -18.33 36.10
CA PRO B 39 -2.53 -17.90 36.78
C PRO B 39 -1.88 -18.99 37.62
N ASP B 40 -2.63 -20.00 38.05
CA ASP B 40 -2.10 -21.10 38.85
C ASP B 40 -1.84 -22.33 38.01
N ALA B 41 -1.41 -22.14 36.77
CA ALA B 41 -1.12 -23.27 35.88
C ALA B 41 0.00 -24.13 36.46
N CYS B 42 -0.21 -25.44 36.47
CA CYS B 42 0.73 -26.39 37.04
C CYS B 42 0.78 -27.62 36.16
N GLY B 43 1.64 -28.57 36.54
CA GLY B 43 1.77 -29.82 35.83
C GLY B 43 3.14 -29.99 35.19
N PRO B 44 3.47 -31.24 34.82
CA PRO B 44 4.75 -31.47 34.15
C PRO B 44 4.82 -30.84 32.77
N VAL B 45 3.69 -30.72 32.07
CA VAL B 45 3.60 -30.07 30.78
C VAL B 45 2.78 -28.79 30.94
N LYS B 46 3.20 -27.74 30.24
CA LYS B 46 2.54 -26.44 30.39
C LYS B 46 1.11 -26.50 29.86
N GLU B 47 0.18 -26.00 30.66
CA GLU B 47 -1.20 -25.91 30.22
C GLU B 47 -1.36 -24.79 29.20
N PRO B 48 -2.26 -24.96 28.24
CA PRO B 48 -2.50 -23.89 27.24
C PRO B 48 -2.96 -22.61 27.93
N PRO B 49 -2.23 -21.51 27.74
CA PRO B 49 -2.59 -20.27 28.42
C PRO B 49 -3.85 -19.64 27.83
N GLU B 50 -4.63 -19.02 28.71
CA GLU B 50 -5.81 -18.25 28.29
C GLU B 50 -5.73 -16.88 28.94
N ILE B 51 -5.84 -15.83 28.11
CA ILE B 51 -5.71 -14.46 28.57
C ILE B 51 -6.96 -13.68 28.17
N ASN B 52 -7.18 -12.57 28.87
CA ASN B 52 -8.28 -11.66 28.57
C ASN B 52 -7.73 -10.26 28.42
N LEU B 53 -8.02 -9.62 27.29
CA LEU B 53 -7.57 -8.26 27.00
C LEU B 53 -8.79 -7.36 26.86
N VAL B 54 -8.93 -6.41 27.78
CA VAL B 54 -9.96 -5.38 27.67
C VAL B 54 -9.41 -4.28 26.77
N LEU B 55 -10.04 -4.11 25.60
CA LEU B 55 -9.52 -3.23 24.58
C LEU B 55 -10.48 -2.08 24.32
N TYR B 56 -9.91 -0.93 23.98
CA TYR B 56 -10.63 0.33 23.78
C TYR B 56 -10.26 0.89 22.42
N PRO B 57 -11.02 1.87 21.92
CA PRO B 57 -10.68 2.46 20.61
C PRO B 57 -9.34 3.18 20.65
N GLN B 58 -8.64 3.11 19.53
N GLN B 58 -8.62 3.11 19.55
CA GLN B 58 -7.35 3.77 19.40
CA GLN B 58 -7.29 3.72 19.50
C GLN B 58 -7.50 5.29 19.47
C GLN B 58 -7.42 5.23 19.41
N GLY B 59 -6.64 5.92 20.24
CA GLY B 59 -6.66 7.38 20.31
C GLY B 59 -7.87 7.96 20.99
N LEU B 60 -8.41 7.27 21.99
CA LEU B 60 -9.59 7.76 22.70
C LEU B 60 -9.21 8.89 23.64
N THR B 61 -9.93 10.01 23.55
CA THR B 61 -9.72 11.16 24.42
C THR B 61 -10.68 11.12 25.59
N GLY B 62 -10.47 12.03 26.54
CA GLY B 62 -11.29 12.08 27.73
C GLY B 62 -12.69 12.63 27.50
N GLU B 63 -12.90 13.33 26.40
CA GLU B 63 -14.21 13.89 26.07
C GLU B 63 -15.06 12.95 25.22
N GLU B 64 -14.54 11.79 24.86
CA GLU B 64 -15.24 10.86 23.98
C GLU B 64 -15.96 9.78 24.77
N VAL B 65 -17.07 9.31 24.20
CA VAL B 65 -17.69 8.07 24.66
C VAL B 65 -16.98 6.90 23.98
N TYR B 66 -16.89 5.77 24.65
CA TYR B 66 -16.07 4.68 24.16
C TYR B 66 -16.85 3.39 24.06
N VAL B 67 -16.69 2.69 22.94
CA VAL B 67 -17.11 1.30 22.78
C VAL B 67 -15.94 0.41 23.18
N LYS B 68 -16.23 -0.80 23.62
CA LYS B 68 -15.17 -1.69 24.08
C LYS B 68 -15.56 -3.14 23.84
N VAL B 69 -14.58 -4.02 23.96
CA VAL B 69 -14.78 -5.46 23.82
C VAL B 69 -13.59 -6.15 24.47
N ASP B 70 -13.82 -7.38 24.92
CA ASP B 70 -12.78 -8.19 25.54
C ASP B 70 -12.25 -9.19 24.52
N LEU B 71 -10.94 -9.15 24.28
CA LEU B 71 -10.28 -10.13 23.42
C LEU B 71 -9.82 -11.28 24.30
N ARG B 72 -10.44 -12.44 24.14
CA ARG B 72 -10.12 -13.64 24.90
C ARG B 72 -9.41 -14.62 23.98
N VAL B 73 -8.20 -15.02 24.37
CA VAL B 73 -7.32 -15.83 23.53
C VAL B 73 -6.83 -17.03 24.34
N LYS B 74 -6.97 -18.22 23.78
CA LYS B 74 -6.36 -19.43 24.30
C LYS B 74 -5.32 -19.94 23.31
N CYS B 75 -4.10 -20.19 23.79
CA CYS B 75 -2.99 -20.56 22.93
C CYS B 75 -2.82 -22.07 22.92
N PRO B 76 -2.94 -22.73 21.77
CA PRO B 76 -2.74 -24.18 21.71
C PRO B 76 -1.29 -24.54 22.04
N PRO B 77 -1.00 -25.83 22.23
CA PRO B 77 0.39 -26.21 22.60
C PRO B 77 1.45 -25.75 21.61
N THR B 78 1.16 -25.81 20.30
CA THR B 78 2.15 -25.43 19.29
C THR B 78 2.02 -23.98 18.84
N TYR B 79 1.23 -23.18 19.55
CA TYR B 79 1.22 -21.75 19.29
C TYR B 79 2.62 -21.18 19.51
N PRO B 80 3.07 -20.22 18.69
CA PRO B 80 2.32 -19.53 17.62
C PRO B 80 2.43 -20.14 16.23
N ASP B 81 2.95 -21.38 16.12
CA ASP B 81 2.98 -22.03 14.82
C ASP B 81 1.58 -22.36 14.32
N VAL B 82 0.59 -22.42 15.22
CA VAL B 82 -0.80 -22.56 14.85
C VAL B 82 -1.57 -21.38 15.42
N VAL B 83 -2.76 -21.16 14.87
CA VAL B 83 -3.60 -20.03 15.29
C VAL B 83 -4.15 -20.30 16.70
N PRO B 84 -4.36 -19.28 17.50
CA PRO B 84 -4.99 -19.47 18.81
C PRO B 84 -6.50 -19.42 18.71
N GLU B 85 -7.15 -19.84 19.79
CA GLU B 85 -8.61 -19.78 19.87
C GLU B 85 -9.01 -18.36 20.27
N ILE B 86 -9.77 -17.70 19.41
CA ILE B 86 -10.11 -16.29 19.56
C ILE B 86 -11.58 -16.18 19.92
N GLU B 87 -11.88 -15.37 20.94
CA GLU B 87 -13.25 -15.09 21.35
C GLU B 87 -13.41 -13.62 21.66
N LEU B 88 -14.59 -13.09 21.40
CA LEU B 88 -14.92 -11.69 21.65
C LEU B 88 -16.07 -11.63 22.64
N LYS B 89 -15.80 -11.08 23.82
CA LYS B 89 -16.78 -11.06 24.90
C LYS B 89 -16.96 -9.65 25.43
N ASN B 90 -18.10 -9.42 26.08
CA ASN B 90 -18.40 -8.18 26.78
C ASN B 90 -18.29 -6.97 25.85
N ALA B 91 -18.93 -7.07 24.70
CA ALA B 91 -18.95 -5.97 23.74
C ALA B 91 -19.94 -4.91 24.17
N LYS B 92 -19.48 -3.66 24.25
CA LYS B 92 -20.32 -2.53 24.60
C LYS B 92 -20.37 -1.56 23.44
N GLY B 93 -21.59 -1.22 23.01
CA GLY B 93 -21.78 -0.31 21.90
C GLY B 93 -21.59 -0.92 20.53
N LEU B 94 -21.45 -2.24 20.43
CA LEU B 94 -21.26 -2.93 19.17
C LEU B 94 -22.44 -3.85 18.92
N SER B 95 -22.87 -3.92 17.66
CA SER B 95 -23.93 -4.84 17.29
C SER B 95 -23.38 -6.26 17.18
N ASN B 96 -24.30 -7.23 17.24
CA ASN B 96 -23.90 -8.62 17.09
C ASN B 96 -23.25 -8.90 15.74
N GLU B 97 -23.71 -8.21 14.70
CA GLU B 97 -23.09 -8.36 13.38
C GLU B 97 -21.69 -7.77 13.35
N SER B 98 -21.46 -6.68 14.10
CA SER B 98 -20.13 -6.08 14.13
C SER B 98 -19.14 -6.97 14.89
N VAL B 99 -19.59 -7.60 15.97
CA VAL B 99 -18.71 -8.49 16.73
C VAL B 99 -18.37 -9.73 15.92
N ASN B 100 -19.37 -10.30 15.22
CA ASN B 100 -19.10 -11.45 14.35
C ASN B 100 -18.19 -11.08 13.19
N LEU B 101 -18.32 -9.86 12.67
CA LEU B 101 -17.45 -9.41 11.59
C LEU B 101 -16.01 -9.27 12.08
N LEU B 102 -15.82 -8.74 13.28
CA LEU B 102 -14.46 -8.56 13.81
C LEU B 102 -13.81 -9.90 14.09
N LYS B 103 -14.57 -10.87 14.62
CA LYS B 103 -14.00 -12.17 14.93
C LYS B 103 -13.56 -12.89 13.66
N SER B 104 -14.32 -12.75 12.57
CA SER B 104 -13.92 -13.36 11.31
C SER B 104 -12.64 -12.74 10.77
N ARG B 105 -12.51 -11.42 10.89
CA ARG B 105 -11.29 -10.76 10.45
C ARG B 105 -10.10 -11.11 11.34
N LEU B 106 -10.35 -11.32 12.64
CA LEU B 106 -9.28 -11.70 13.55
C LEU B 106 -8.79 -13.12 13.27
N GLU B 107 -9.71 -14.04 13.01
CA GLU B 107 -9.31 -15.41 12.70
C GLU B 107 -8.54 -15.48 11.39
N GLU B 108 -8.81 -14.57 10.46
CA GLU B 108 -8.10 -14.57 9.19
C GLU B 108 -6.77 -13.85 9.29
N LEU B 109 -6.68 -12.81 10.12
CA LEU B 109 -5.37 -12.19 10.38
C LEU B 109 -4.46 -13.17 11.13
N ALA B 110 -5.03 -13.99 12.01
CA ALA B 110 -4.23 -14.95 12.74
C ALA B 110 -3.71 -16.06 11.84
N LYS B 111 -4.47 -16.44 10.81
CA LYS B 111 -4.01 -17.46 9.88
C LYS B 111 -2.78 -16.99 9.10
N LYS B 112 -2.73 -15.70 8.77
CA LYS B 112 -1.58 -15.14 8.05
C LYS B 112 -0.44 -14.76 8.97
N HIS B 113 -0.65 -14.76 10.29
CA HIS B 113 0.37 -14.37 11.25
C HIS B 113 1.03 -15.57 11.92
N CYS B 114 0.86 -16.76 11.38
CA CYS B 114 1.46 -17.96 11.96
C CYS B 114 2.98 -17.90 11.84
N GLY B 115 3.66 -18.41 12.86
CA GLY B 115 5.11 -18.39 12.93
C GLY B 115 5.67 -17.52 14.03
N GLU B 116 4.90 -16.56 14.52
CA GLU B 116 5.35 -15.67 15.59
C GLU B 116 4.13 -15.27 16.42
N VAL B 117 4.38 -14.92 17.69
CA VAL B 117 3.30 -14.51 18.57
C VAL B 117 2.53 -13.34 17.95
N MET B 118 1.21 -13.38 18.09
CA MET B 118 0.34 -12.50 17.32
C MET B 118 -0.75 -11.82 18.12
N ILE B 119 -0.81 -12.03 19.43
CA ILE B 119 -1.94 -11.50 20.20
C ILE B 119 -1.92 -9.98 20.18
N PHE B 120 -0.73 -9.37 20.23
CA PHE B 120 -0.65 -7.92 20.23
C PHE B 120 -1.13 -7.32 18.92
N GLU B 121 -0.79 -7.96 17.80
CA GLU B 121 -1.30 -7.48 16.51
C GLU B 121 -2.79 -7.72 16.39
N LEU B 122 -3.31 -8.81 16.96
CA LEU B 122 -4.75 -9.01 17.01
C LEU B 122 -5.42 -7.93 17.83
N ALA B 123 -4.84 -7.58 18.98
CA ALA B 123 -5.40 -6.51 19.81
C ALA B 123 -5.32 -5.16 19.11
N TYR B 124 -4.27 -4.93 18.31
CA TYR B 124 -4.17 -3.68 17.58
C TYR B 124 -5.28 -3.55 16.54
N HIS B 125 -5.61 -4.66 15.87
CA HIS B 125 -6.69 -4.61 14.88
C HIS B 125 -8.05 -4.45 15.54
N VAL B 126 -8.20 -4.94 16.77
CA VAL B 126 -9.44 -4.71 17.51
C VAL B 126 -9.57 -3.24 17.86
N GLN B 127 -8.50 -2.64 18.40
CA GLN B 127 -8.54 -1.23 18.77
C GLN B 127 -8.75 -0.34 17.55
N SER B 128 -8.16 -0.73 16.41
CA SER B 128 -8.45 -0.01 15.17
C SER B 128 -9.90 -0.19 14.75
N PHE B 129 -10.44 -1.41 14.92
CA PHE B 129 -11.85 -1.65 14.62
C PHE B 129 -12.75 -0.85 15.56
N LEU B 130 -12.40 -0.78 16.84
CA LEU B 130 -13.20 -0.02 17.79
C LEU B 130 -13.16 1.48 17.48
N SER B 131 -12.04 1.98 16.96
CA SER B 131 -11.96 3.39 16.61
C SER B 131 -12.89 3.72 15.44
N GLU B 132 -13.04 2.80 14.51
CA GLU B 132 -13.93 3.02 13.37
C GLU B 132 -15.40 2.98 13.77
N HIS B 133 -15.73 2.31 14.87
CA HIS B 133 -17.11 2.21 15.35
C HIS B 133 -17.37 3.10 16.56
N ASN B 134 -16.56 4.13 16.76
CA ASN B 134 -16.73 5.02 17.90
C ASN B 134 -17.41 6.32 17.51
N HIS C 6 -27.96 -18.72 -16.04
CA HIS C 6 -27.69 -17.95 -14.83
C HIS C 6 -28.72 -16.85 -14.64
N HIS C 7 -29.70 -17.09 -13.76
CA HIS C 7 -30.76 -16.13 -13.48
C HIS C 7 -30.65 -15.53 -12.09
N HIS C 8 -29.50 -15.66 -11.45
CA HIS C 8 -29.28 -15.13 -10.12
C HIS C 8 -28.97 -13.63 -10.18
N HIS C 9 -28.97 -13.00 -9.01
CA HIS C 9 -28.57 -11.61 -8.86
C HIS C 9 -27.25 -11.56 -8.10
N HIS C 10 -26.38 -10.62 -8.49
CA HIS C 10 -25.04 -10.57 -7.89
C HIS C 10 -25.10 -10.08 -6.45
N SER C 11 -26.02 -9.17 -6.14
CA SER C 11 -26.14 -8.66 -4.79
C SER C 11 -26.85 -9.65 -3.88
N GLY C 12 -26.47 -9.64 -2.61
CA GLY C 12 -27.07 -10.53 -1.64
C GLY C 12 -26.72 -12.00 -1.81
N GLU C 13 -25.72 -12.32 -2.61
CA GLU C 13 -25.34 -13.70 -2.84
C GLU C 13 -24.48 -14.21 -1.69
N SER C 14 -24.67 -15.47 -1.33
CA SER C 14 -23.89 -16.08 -0.28
C SER C 14 -22.49 -16.42 -0.79
N TYR C 15 -21.58 -16.63 0.16
CA TYR C 15 -20.21 -16.99 -0.20
C TYR C 15 -20.10 -18.24 -1.05
N PRO C 16 -20.81 -19.34 -0.75
CA PRO C 16 -20.73 -20.51 -1.65
C PRO C 16 -21.21 -20.24 -3.05
N GLN C 17 -22.23 -19.39 -3.22
CA GLN C 17 -22.73 -19.08 -4.56
C GLN C 17 -21.69 -18.30 -5.36
N ARG C 18 -21.11 -17.26 -4.76
CA ARG C 18 -20.15 -16.43 -5.47
C ARG C 18 -18.88 -17.21 -5.79
N GLN C 19 -18.46 -18.09 -4.88
CA GLN C 19 -17.27 -18.91 -5.14
C GLN C 19 -17.52 -19.90 -6.28
N ASP C 20 -18.71 -20.50 -6.31
CA ASP C 20 -19.03 -21.42 -7.40
C ASP C 20 -19.14 -20.68 -8.73
N HIS C 21 -19.66 -19.45 -8.70
CA HIS C 21 -19.76 -18.67 -9.94
C HIS C 21 -18.39 -18.27 -10.46
N GLU C 22 -17.46 -17.93 -9.57
CA GLU C 22 -16.12 -17.57 -10.00
C GLU C 22 -15.40 -18.74 -10.66
N LEU C 23 -15.60 -19.95 -10.13
CA LEU C 23 -14.96 -21.13 -10.70
C LEU C 23 -15.48 -21.40 -12.11
N GLN C 24 -16.79 -21.25 -12.32
CA GLN C 24 -17.34 -21.39 -13.66
C GLN C 24 -16.80 -20.32 -14.59
N ALA C 25 -16.59 -19.11 -14.08
CA ALA C 25 -16.06 -18.03 -14.90
C ALA C 25 -14.58 -18.24 -15.20
N LEU C 26 -13.82 -18.74 -14.23
CA LEU C 26 -12.42 -19.05 -14.47
C LEU C 26 -12.26 -20.16 -15.49
N GLU C 27 -13.10 -21.20 -15.39
CA GLU C 27 -13.01 -22.31 -16.33
C GLU C 27 -13.36 -21.88 -17.75
N ALA C 28 -14.31 -20.95 -17.89
CA ALA C 28 -14.69 -20.47 -19.21
C ALA C 28 -13.58 -19.63 -19.85
N ILE C 29 -12.82 -18.90 -19.03
CA ILE C 29 -11.78 -18.02 -19.57
C ILE C 29 -10.49 -18.79 -19.83
N TYR C 30 -10.08 -19.63 -18.89
CA TYR C 30 -8.78 -20.29 -18.97
C TYR C 30 -8.85 -21.73 -19.48
N GLY C 31 -10.00 -22.37 -19.39
CA GLY C 31 -10.19 -23.70 -19.97
C GLY C 31 -9.24 -24.77 -19.45
N ALA C 32 -8.34 -25.24 -20.31
CA ALA C 32 -7.44 -26.32 -19.94
C ALA C 32 -6.38 -25.87 -18.95
N ASP C 33 -6.06 -24.59 -18.89
CA ASP C 33 -5.12 -24.07 -17.92
C ASP C 33 -5.71 -23.98 -16.51
N PHE C 34 -6.98 -24.32 -16.36
CA PHE C 34 -7.68 -24.24 -15.08
C PHE C 34 -7.94 -25.65 -14.56
N GLN C 35 -7.68 -25.85 -13.27
CA GLN C 35 -7.88 -27.15 -12.63
C GLN C 35 -8.57 -26.95 -11.29
N ASP C 36 -9.58 -27.76 -11.01
CA ASP C 36 -10.23 -27.79 -9.71
C ASP C 36 -9.56 -28.89 -8.88
N LEU C 37 -8.84 -28.48 -7.84
CA LEU C 37 -8.10 -29.41 -7.00
C LEU C 37 -8.96 -30.09 -5.94
N ARG C 38 -10.28 -30.01 -6.05
CA ARG C 38 -11.18 -30.64 -5.10
C ARG C 38 -11.66 -31.98 -5.63
N PRO C 39 -11.84 -32.97 -4.75
CA PRO C 39 -12.40 -34.26 -5.19
C PRO C 39 -13.88 -34.14 -5.50
N ASP C 40 -14.51 -35.26 -5.87
CA ASP C 40 -15.93 -35.24 -6.17
C ASP C 40 -16.73 -34.85 -4.93
N ALA C 41 -17.66 -33.91 -5.12
CA ALA C 41 -18.42 -33.36 -3.99
C ALA C 41 -19.26 -34.45 -3.32
N CYS C 42 -19.16 -34.52 -1.99
CA CYS C 42 -19.86 -35.53 -1.21
C CYS C 42 -20.89 -34.93 -0.27
N GLY C 43 -20.49 -33.99 0.59
CA GLY C 43 -21.37 -33.49 1.62
C GLY C 43 -22.34 -32.47 1.11
N PRO C 44 -23.24 -32.03 2.01
CA PRO C 44 -24.18 -30.96 1.63
C PRO C 44 -23.48 -29.63 1.38
N VAL C 45 -22.38 -29.37 2.06
CA VAL C 45 -21.56 -28.18 1.83
C VAL C 45 -20.30 -28.62 1.12
N LYS C 46 -19.92 -27.88 0.08
CA LYS C 46 -18.72 -28.21 -0.68
C LYS C 46 -17.48 -27.74 0.06
N GLU C 47 -16.37 -28.45 -0.17
CA GLU C 47 -15.10 -28.10 0.44
C GLU C 47 -14.63 -26.74 -0.07
N PRO C 48 -13.79 -26.05 0.71
CA PRO C 48 -13.22 -24.78 0.24
C PRO C 48 -12.52 -24.95 -1.10
N PRO C 49 -12.87 -24.14 -2.09
CA PRO C 49 -12.35 -24.35 -3.44
C PRO C 49 -10.86 -24.06 -3.53
N GLU C 50 -10.11 -25.02 -4.07
CA GLU C 50 -8.70 -24.82 -4.40
C GLU C 50 -8.53 -25.01 -5.90
N ILE C 51 -7.95 -24.01 -6.56
CA ILE C 51 -7.82 -24.00 -8.00
C ILE C 51 -6.35 -23.86 -8.37
N ASN C 52 -6.01 -24.37 -9.55
CA ASN C 52 -4.67 -24.22 -10.11
C ASN C 52 -4.78 -23.58 -11.49
N LEU C 53 -4.06 -22.48 -11.67
CA LEU C 53 -4.07 -21.75 -12.94
C LEU C 53 -2.68 -21.77 -13.53
N VAL C 54 -2.54 -22.36 -14.71
CA VAL C 54 -1.29 -22.35 -15.46
C VAL C 54 -1.26 -21.06 -16.28
N LEU C 55 -0.37 -20.15 -15.90
CA LEU C 55 -0.34 -18.81 -16.48
C LEU C 55 0.94 -18.60 -17.28
N TYR C 56 0.81 -17.80 -18.33
CA TYR C 56 1.87 -17.51 -19.30
C TYR C 56 1.99 -16.01 -19.46
N PRO C 57 3.09 -15.52 -20.05
CA PRO C 57 3.25 -14.07 -20.21
C PRO C 57 2.17 -13.48 -21.09
N GLN C 58 1.88 -12.20 -20.86
CA GLN C 58 0.88 -11.49 -21.63
C GLN C 58 1.37 -11.25 -23.05
N GLY C 59 0.50 -11.52 -24.03
CA GLY C 59 0.84 -11.34 -25.43
C GLY C 59 2.05 -12.14 -25.85
N LEU C 60 2.07 -13.42 -25.49
CA LEU C 60 3.20 -14.28 -25.78
C LEU C 60 3.30 -14.54 -27.29
N THR C 61 4.44 -14.19 -27.87
CA THR C 61 4.68 -14.42 -29.29
C THR C 61 5.39 -15.75 -29.50
N GLY C 62 5.25 -16.29 -30.71
CA GLY C 62 5.81 -17.58 -31.03
C GLY C 62 7.32 -17.60 -31.20
N GLU C 63 7.94 -16.44 -31.35
CA GLU C 63 9.39 -16.36 -31.54
C GLU C 63 10.15 -16.11 -30.25
N GLU C 64 9.48 -15.77 -29.17
CA GLU C 64 10.13 -15.50 -27.90
C GLU C 64 10.02 -16.70 -26.98
N VAL C 65 10.98 -16.80 -26.06
CA VAL C 65 10.95 -17.84 -25.04
C VAL C 65 10.04 -17.38 -23.91
N TYR C 66 9.42 -18.33 -23.21
CA TYR C 66 8.37 -18.03 -22.25
C TYR C 66 8.74 -18.53 -20.87
N VAL C 67 8.54 -17.67 -19.86
CA VAL C 67 8.55 -18.08 -18.47
C VAL C 67 7.12 -18.44 -18.07
N LYS C 68 6.98 -19.22 -17.02
CA LYS C 68 5.65 -19.64 -16.60
C LYS C 68 5.64 -19.91 -15.10
N VAL C 69 4.44 -19.89 -14.53
CA VAL C 69 4.24 -20.19 -13.12
C VAL C 69 2.78 -20.59 -12.94
N ASP C 70 2.52 -21.43 -11.94
CA ASP C 70 1.17 -21.89 -11.65
C ASP C 70 0.61 -21.13 -10.46
N LEU C 71 -0.58 -20.56 -10.63
CA LEU C 71 -1.26 -19.83 -9.57
C LEU C 71 -2.19 -20.80 -8.84
N ARG C 72 -1.83 -21.13 -7.61
CA ARG C 72 -2.63 -22.04 -6.77
C ARG C 72 -3.29 -21.22 -5.67
N VAL C 73 -4.63 -21.17 -5.70
CA VAL C 73 -5.41 -20.34 -4.80
C VAL C 73 -6.41 -21.23 -4.07
N LYS C 74 -6.49 -21.08 -2.75
CA LYS C 74 -7.50 -21.74 -1.93
C LYS C 74 -8.38 -20.68 -1.30
N CYS C 75 -9.69 -20.80 -1.49
CA CYS C 75 -10.62 -19.78 -1.04
C CYS C 75 -11.16 -20.14 0.34
N PRO C 76 -10.91 -19.31 1.36
CA PRO C 76 -11.49 -19.55 2.68
C PRO C 76 -13.01 -19.40 2.63
N PRO C 77 -13.72 -19.83 3.68
CA PRO C 77 -15.19 -19.85 3.60
C PRO C 77 -15.82 -18.47 3.41
N THR C 78 -15.25 -17.42 3.99
CA THR C 78 -15.80 -16.07 3.87
C THR C 78 -15.22 -15.32 2.69
N TYR C 79 -14.49 -15.99 1.81
CA TYR C 79 -14.02 -15.35 0.58
C TYR C 79 -15.23 -14.97 -0.28
N PRO C 80 -15.18 -13.83 -0.99
CA PRO C 80 -14.06 -12.90 -1.13
C PRO C 80 -14.09 -11.70 -0.19
N ASP C 81 -14.81 -11.78 0.91
CA ASP C 81 -14.68 -10.75 1.94
C ASP C 81 -13.34 -10.83 2.66
N VAL C 82 -12.56 -11.87 2.39
CA VAL C 82 -11.24 -12.05 2.97
C VAL C 82 -10.30 -12.53 1.86
N VAL C 83 -9.03 -12.16 1.99
CA VAL C 83 -7.98 -12.61 1.07
C VAL C 83 -7.92 -14.13 1.06
N PRO C 84 -7.60 -14.75 -0.06
CA PRO C 84 -7.43 -16.20 -0.11
C PRO C 84 -5.98 -16.61 0.12
N GLU C 85 -5.77 -17.91 0.24
CA GLU C 85 -4.43 -18.48 0.33
C GLU C 85 -3.83 -18.56 -1.07
N ILE C 86 -2.70 -17.89 -1.28
CA ILE C 86 -2.10 -17.74 -2.60
C ILE C 86 -0.78 -18.47 -2.62
N GLU C 87 -0.58 -19.28 -3.66
CA GLU C 87 0.63 -20.08 -3.82
C GLU C 87 1.13 -19.96 -5.26
N LEU C 88 2.45 -19.90 -5.41
CA LEU C 88 3.10 -19.87 -6.72
C LEU C 88 3.96 -21.11 -6.85
N LYS C 89 3.55 -22.03 -7.72
CA LYS C 89 4.21 -23.32 -7.87
C LYS C 89 4.67 -23.51 -9.32
N ASN C 90 5.66 -24.39 -9.48
CA ASN C 90 6.14 -24.82 -10.79
C ASN C 90 6.63 -23.63 -11.63
N ALA C 91 7.44 -22.78 -11.01
CA ALA C 91 8.01 -21.66 -11.73
C ALA C 91 9.09 -22.13 -12.69
N LYS C 92 9.08 -21.58 -13.90
CA LYS C 92 10.04 -21.93 -14.93
C LYS C 92 10.66 -20.64 -15.46
N GLY C 93 11.94 -20.44 -15.20
CA GLY C 93 12.63 -19.25 -15.63
C GLY C 93 12.57 -18.08 -14.66
N LEU C 94 12.11 -18.30 -13.43
CA LEU C 94 12.02 -17.26 -12.42
C LEU C 94 12.86 -17.66 -11.22
N SER C 95 13.63 -16.70 -10.71
CA SER C 95 14.37 -16.93 -9.48
C SER C 95 13.41 -17.01 -8.29
N ASN C 96 13.92 -17.55 -7.17
CA ASN C 96 13.08 -17.66 -5.98
C ASN C 96 12.73 -16.28 -5.44
N GLU C 97 13.66 -15.33 -5.53
CA GLU C 97 13.36 -13.95 -5.15
C GLU C 97 12.26 -13.37 -6.03
N SER C 98 12.28 -13.70 -7.32
CA SER C 98 11.26 -13.20 -8.24
C SER C 98 9.90 -13.78 -7.91
N VAL C 99 9.84 -15.08 -7.63
CA VAL C 99 8.57 -15.71 -7.26
C VAL C 99 8.07 -15.16 -5.94
N ASN C 100 8.97 -14.98 -4.96
CA ASN C 100 8.56 -14.43 -3.68
C ASN C 100 8.15 -12.97 -3.81
N LEU C 101 8.82 -12.22 -4.69
CA LEU C 101 8.41 -10.85 -4.94
C LEU C 101 7.03 -10.79 -5.58
N LEU C 102 6.74 -11.70 -6.51
CA LEU C 102 5.42 -11.75 -7.11
C LEU C 102 4.36 -12.13 -6.08
N LYS C 103 4.67 -13.09 -5.20
CA LYS C 103 3.72 -13.49 -4.18
C LYS C 103 3.40 -12.35 -3.23
N SER C 104 4.39 -11.51 -2.92
CA SER C 104 4.15 -10.37 -2.05
C SER C 104 3.24 -9.35 -2.72
N ARG C 105 3.40 -9.15 -4.03
CA ARG C 105 2.51 -8.24 -4.75
C ARG C 105 1.09 -8.79 -4.83
N LEU C 106 0.95 -10.11 -4.94
CA LEU C 106 -0.37 -10.71 -4.97
C LEU C 106 -1.05 -10.60 -3.61
N GLU C 107 -0.28 -10.72 -2.53
CA GLU C 107 -0.85 -10.59 -1.20
C GLU C 107 -1.32 -9.15 -0.93
N GLU C 108 -0.52 -8.17 -1.33
CA GLU C 108 -0.95 -6.78 -1.21
C GLU C 108 -2.12 -6.48 -2.14
N LEU C 109 -2.18 -7.16 -3.29
CA LEU C 109 -3.31 -7.01 -4.19
C LEU C 109 -4.59 -7.55 -3.57
N ALA C 110 -4.52 -8.76 -2.99
CA ALA C 110 -5.69 -9.38 -2.40
C ALA C 110 -6.24 -8.57 -1.24
N LYS C 111 -5.36 -7.88 -0.50
CA LYS C 111 -5.81 -7.07 0.62
C LYS C 111 -6.67 -5.91 0.15
N LYS C 112 -6.25 -5.24 -0.93
CA LYS C 112 -7.02 -4.11 -1.45
C LYS C 112 -8.27 -4.57 -2.20
N HIS C 113 -8.27 -5.79 -2.73
CA HIS C 113 -9.37 -6.30 -3.53
C HIS C 113 -10.41 -7.04 -2.71
N CYS C 114 -10.41 -6.87 -1.39
CA CYS C 114 -11.37 -7.55 -0.54
C CYS C 114 -12.79 -7.04 -0.82
N GLY C 115 -13.74 -7.96 -0.80
CA GLY C 115 -15.14 -7.66 -1.07
C GLY C 115 -15.66 -8.22 -2.37
N GLU C 116 -14.78 -8.50 -3.32
CA GLU C 116 -15.17 -9.08 -4.61
C GLU C 116 -14.16 -10.12 -5.02
N VAL C 117 -14.63 -11.12 -5.79
CA VAL C 117 -13.77 -12.17 -6.29
C VAL C 117 -12.58 -11.56 -7.05
N MET C 118 -11.39 -12.10 -6.80
CA MET C 118 -10.16 -11.44 -7.21
C MET C 118 -9.19 -12.34 -7.97
N ILE C 119 -9.57 -13.59 -8.27
CA ILE C 119 -8.61 -14.49 -8.91
C ILE C 119 -8.27 -14.04 -10.33
N PHE C 120 -9.22 -13.39 -11.00
CA PHE C 120 -8.92 -12.85 -12.34
C PHE C 120 -7.84 -11.78 -12.27
N GLU C 121 -7.97 -10.85 -11.32
CA GLU C 121 -6.98 -9.78 -11.19
C GLU C 121 -5.64 -10.31 -10.71
N LEU C 122 -5.66 -11.30 -9.83
CA LEU C 122 -4.41 -11.97 -9.44
C LEU C 122 -3.76 -12.66 -10.63
N ALA C 123 -4.56 -13.36 -11.44
CA ALA C 123 -4.03 -14.01 -12.63
C ALA C 123 -3.57 -12.99 -13.66
N TYR C 124 -4.22 -11.83 -13.73
CA TYR C 124 -3.80 -10.80 -14.68
C TYR C 124 -2.44 -10.23 -14.31
N HIS C 125 -2.23 -9.94 -13.02
CA HIS C 125 -0.95 -9.38 -12.59
C HIS C 125 0.17 -10.39 -12.69
N VAL C 126 -0.13 -11.68 -12.54
CA VAL C 126 0.88 -12.71 -12.77
C VAL C 126 1.30 -12.72 -14.23
N GLN C 127 0.32 -12.70 -15.14
CA GLN C 127 0.63 -12.66 -16.56
C GLN C 127 1.41 -11.39 -16.92
N SER C 128 1.10 -10.28 -16.25
CA SER C 128 1.87 -9.06 -16.45
C SER C 128 3.29 -9.21 -15.92
N PHE C 129 3.43 -9.81 -14.74
CA PHE C 129 4.76 -10.05 -14.17
C PHE C 129 5.60 -10.95 -15.08
N LEU C 130 4.98 -11.98 -15.66
CA LEU C 130 5.71 -12.89 -16.54
C LEU C 130 6.18 -12.18 -17.80
N SER C 131 5.46 -11.16 -18.24
CA SER C 131 5.88 -10.42 -19.43
C SER C 131 7.10 -9.54 -19.15
N GLU C 132 7.11 -8.88 -17.98
CA GLU C 132 8.25 -8.03 -17.63
C GLU C 132 9.51 -8.83 -17.41
N HIS C 133 9.38 -10.11 -17.01
CA HIS C 133 10.52 -10.97 -16.77
C HIS C 133 10.70 -12.01 -17.87
N ASN C 134 10.38 -11.63 -19.11
CA ASN C 134 10.52 -12.51 -20.26
C ASN C 134 11.80 -12.22 -21.02
N HIS D 6 -14.93 -27.02 -21.68
CA HIS D 6 -13.89 -26.03 -21.93
C HIS D 6 -12.51 -26.68 -21.92
N HIS D 7 -11.97 -26.93 -23.12
CA HIS D 7 -10.67 -27.58 -23.28
C HIS D 7 -9.68 -26.70 -24.03
N HIS D 8 -9.95 -25.40 -24.14
CA HIS D 8 -9.05 -24.49 -24.82
C HIS D 8 -7.93 -24.04 -23.89
N HIS D 9 -6.89 -23.46 -24.49
CA HIS D 9 -5.80 -22.86 -23.75
C HIS D 9 -5.91 -21.34 -23.83
N HIS D 10 -5.57 -20.67 -22.74
CA HIS D 10 -5.73 -19.22 -22.69
C HIS D 10 -4.75 -18.53 -23.64
N SER D 11 -3.49 -18.94 -23.61
CA SER D 11 -2.50 -18.35 -24.50
C SER D 11 -2.73 -18.79 -25.94
N GLY D 12 -2.42 -17.90 -26.87
CA GLY D 12 -2.64 -18.19 -28.28
C GLY D 12 -4.09 -18.15 -28.69
N GLU D 13 -4.97 -17.57 -27.87
CA GLU D 13 -6.38 -17.49 -28.19
C GLU D 13 -6.65 -16.33 -29.14
N SER D 14 -7.67 -16.47 -29.96
CA SER D 14 -8.06 -15.41 -30.87
C SER D 14 -8.97 -14.41 -30.15
N TYR D 15 -9.04 -13.20 -30.72
CA TYR D 15 -9.87 -12.16 -30.13
C TYR D 15 -11.35 -12.55 -30.03
N PRO D 16 -11.98 -13.15 -31.04
CA PRO D 16 -13.37 -13.61 -30.85
C PRO D 16 -13.51 -14.67 -29.77
N GLN D 17 -12.48 -15.51 -29.58
CA GLN D 17 -12.53 -16.51 -28.52
C GLN D 17 -12.44 -15.87 -27.14
N ARG D 18 -11.52 -14.92 -26.98
CA ARG D 18 -11.36 -14.24 -25.69
C ARG D 18 -12.61 -13.44 -25.35
N GLN D 19 -13.20 -12.77 -26.33
CA GLN D 19 -14.39 -11.95 -26.07
C GLN D 19 -15.60 -12.82 -25.78
N ASP D 20 -15.77 -13.92 -26.53
CA ASP D 20 -16.88 -14.82 -26.26
C ASP D 20 -16.76 -15.49 -24.91
N HIS D 21 -15.54 -15.80 -24.47
CA HIS D 21 -15.35 -16.43 -23.18
C HIS D 21 -15.54 -15.46 -22.02
N GLU D 22 -15.21 -14.19 -22.22
CA GLU D 22 -15.47 -13.18 -21.19
C GLU D 22 -16.97 -12.98 -21.00
N LEU D 23 -17.74 -13.06 -22.09
CA LEU D 23 -19.19 -12.91 -21.98
C LEU D 23 -19.80 -14.07 -21.22
N GLN D 24 -19.25 -15.28 -21.40
CA GLN D 24 -19.71 -16.42 -20.62
C GLN D 24 -19.34 -16.26 -19.15
N ALA D 25 -18.15 -15.70 -18.88
CA ALA D 25 -17.73 -15.48 -17.51
C ALA D 25 -18.56 -14.39 -16.84
N LEU D 26 -18.86 -13.32 -17.57
CA LEU D 26 -19.69 -12.24 -17.02
C LEU D 26 -21.10 -12.72 -16.73
N GLU D 27 -21.64 -13.59 -17.59
CA GLU D 27 -22.98 -14.10 -17.38
C GLU D 27 -23.06 -14.99 -16.15
N ALA D 28 -22.01 -15.77 -15.89
CA ALA D 28 -22.02 -16.67 -14.74
C ALA D 28 -21.91 -15.90 -13.42
N ILE D 29 -21.15 -14.81 -13.42
CA ILE D 29 -20.91 -14.08 -12.18
C ILE D 29 -22.04 -13.10 -11.88
N TYR D 30 -22.53 -12.40 -12.89
CA TYR D 30 -23.54 -11.36 -12.68
C TYR D 30 -24.95 -11.80 -13.01
N GLY D 31 -25.12 -12.90 -13.75
CA GLY D 31 -26.43 -13.46 -14.01
C GLY D 31 -27.45 -12.52 -14.59
N ALA D 32 -28.53 -12.26 -13.83
CA ALA D 32 -29.60 -11.40 -14.32
C ALA D 32 -29.19 -9.94 -14.39
N ASP D 33 -28.16 -9.54 -13.64
CA ASP D 33 -27.64 -8.18 -13.74
C ASP D 33 -26.83 -7.96 -15.00
N PHE D 34 -26.57 -9.02 -15.77
CA PHE D 34 -25.82 -8.93 -17.01
C PHE D 34 -26.76 -9.03 -18.20
N GLN D 35 -26.52 -8.21 -19.21
CA GLN D 35 -27.36 -8.17 -20.40
C GLN D 35 -26.48 -8.10 -21.65
N ASP D 36 -26.69 -9.04 -22.56
CA ASP D 36 -26.05 -8.99 -23.87
C ASP D 36 -26.88 -8.09 -24.76
N LEU D 37 -26.43 -6.85 -24.95
CA LEU D 37 -27.17 -5.88 -25.74
C LEU D 37 -27.09 -6.12 -27.23
N ARG D 38 -26.30 -7.10 -27.67
CA ARG D 38 -26.20 -7.48 -29.08
C ARG D 38 -26.45 -8.98 -29.22
N PRO D 39 -27.67 -9.45 -28.94
CA PRO D 39 -27.98 -10.86 -29.17
C PRO D 39 -28.21 -11.12 -30.65
N ASP D 40 -28.15 -12.41 -31.00
CA ASP D 40 -28.27 -12.85 -32.40
C ASP D 40 -27.21 -12.18 -33.28
N ALA D 41 -26.01 -11.99 -32.73
CA ALA D 41 -24.89 -11.47 -33.50
C ALA D 41 -24.51 -12.49 -34.57
N CYS D 42 -24.31 -12.03 -35.80
CA CYS D 42 -24.12 -12.91 -36.94
C CYS D 42 -23.11 -12.29 -37.89
N GLY D 43 -22.92 -12.93 -39.04
CA GLY D 43 -21.97 -12.50 -40.02
C GLY D 43 -20.77 -13.41 -40.09
N PRO D 44 -20.01 -13.33 -41.19
CA PRO D 44 -18.76 -14.10 -41.26
C PRO D 44 -17.73 -13.64 -40.25
N VAL D 45 -17.84 -12.40 -39.77
CA VAL D 45 -16.99 -11.87 -38.72
C VAL D 45 -17.89 -11.58 -37.52
N LYS D 46 -17.37 -11.85 -36.32
CA LYS D 46 -18.14 -11.61 -35.11
C LYS D 46 -18.41 -10.12 -34.94
N GLU D 47 -19.62 -9.79 -34.54
CA GLU D 47 -19.93 -8.39 -34.29
C GLU D 47 -19.34 -7.97 -32.94
N PRO D 48 -18.82 -6.75 -32.84
CA PRO D 48 -18.27 -6.28 -31.57
C PRO D 48 -19.31 -6.35 -30.46
N PRO D 49 -19.05 -7.15 -29.43
CA PRO D 49 -20.06 -7.33 -28.38
C PRO D 49 -20.28 -6.05 -27.58
N GLU D 50 -21.54 -5.79 -27.26
CA GLU D 50 -21.92 -4.72 -26.35
C GLU D 50 -22.69 -5.33 -25.18
N ILE D 51 -22.24 -5.04 -23.96
CA ILE D 51 -22.82 -5.64 -22.77
C ILE D 51 -23.33 -4.53 -21.86
N ASN D 52 -24.26 -4.91 -20.98
CA ASN D 52 -24.81 -4.01 -19.97
C ASN D 52 -24.70 -4.70 -18.62
N LEU D 53 -24.15 -3.98 -17.64
CA LEU D 53 -23.95 -4.50 -16.29
C LEU D 53 -24.61 -3.55 -15.30
N VAL D 54 -25.66 -4.03 -14.63
CA VAL D 54 -26.28 -3.28 -13.54
C VAL D 54 -25.49 -3.54 -12.27
N LEU D 55 -24.89 -2.49 -11.72
CA LEU D 55 -23.96 -2.62 -10.61
C LEU D 55 -24.48 -1.89 -9.38
N TYR D 56 -24.14 -2.41 -8.21
CA TYR D 56 -24.58 -1.92 -6.92
C TYR D 56 -23.37 -1.78 -6.01
N PRO D 57 -23.51 -1.07 -4.89
CA PRO D 57 -22.39 -1.01 -3.94
C PRO D 57 -22.05 -2.40 -3.41
N GLN D 58 -20.76 -2.65 -3.23
CA GLN D 58 -20.31 -3.96 -2.78
C GLN D 58 -20.61 -4.13 -1.30
N GLY D 59 -21.11 -5.31 -0.94
CA GLY D 59 -21.59 -5.55 0.41
C GLY D 59 -22.89 -4.85 0.71
N LEU D 60 -23.80 -4.84 -0.25
CA LEU D 60 -25.07 -4.12 -0.10
C LEU D 60 -25.98 -4.88 0.86
N THR D 61 -26.27 -4.28 2.01
CA THR D 61 -27.18 -4.87 2.98
C THR D 61 -28.61 -4.40 2.74
N GLY D 62 -29.55 -5.08 3.40
CA GLY D 62 -30.96 -4.76 3.20
C GLY D 62 -31.40 -3.50 3.91
N GLU D 63 -30.71 -3.11 4.97
CA GLU D 63 -31.07 -1.93 5.75
C GLU D 63 -30.48 -0.64 5.19
N GLU D 64 -29.67 -0.72 4.13
CA GLU D 64 -28.99 0.44 3.60
C GLU D 64 -29.69 0.96 2.34
N VAL D 65 -29.55 2.26 2.12
CA VAL D 65 -30.04 2.89 0.90
C VAL D 65 -29.00 2.68 -0.20
N TYR D 66 -29.45 2.24 -1.36
CA TYR D 66 -28.56 1.75 -2.41
C TYR D 66 -28.56 2.69 -3.61
N VAL D 67 -27.36 3.07 -4.05
CA VAL D 67 -27.19 3.73 -5.34
C VAL D 67 -26.90 2.66 -6.38
N LYS D 68 -27.04 3.03 -7.66
CA LYS D 68 -26.79 2.08 -8.73
C LYS D 68 -26.45 2.82 -10.01
N VAL D 69 -25.84 2.08 -10.94
CA VAL D 69 -25.49 2.61 -12.25
C VAL D 69 -25.27 1.43 -13.18
N ASP D 70 -25.53 1.62 -14.47
CA ASP D 70 -25.36 0.59 -15.47
C ASP D 70 -24.05 0.81 -16.21
N LEU D 71 -23.19 -0.20 -16.21
CA LEU D 71 -21.94 -0.16 -16.94
C LEU D 71 -22.15 -0.74 -18.34
N ARG D 72 -21.98 0.09 -19.36
CA ARG D 72 -22.19 -0.30 -20.75
C ARG D 72 -20.83 -0.32 -21.46
N VAL D 73 -20.45 -1.48 -21.97
CA VAL D 73 -19.13 -1.70 -22.55
C VAL D 73 -19.31 -2.26 -23.95
N LYS D 74 -18.64 -1.65 -24.92
CA LYS D 74 -18.57 -2.16 -26.29
C LYS D 74 -17.13 -2.55 -26.59
N CYS D 75 -16.91 -3.80 -27.00
CA CYS D 75 -15.58 -4.33 -27.21
C CYS D 75 -15.19 -4.25 -28.67
N PRO D 76 -14.22 -3.42 -29.04
CA PRO D 76 -13.75 -3.41 -30.44
C PRO D 76 -13.13 -4.74 -30.82
N PRO D 77 -12.90 -4.97 -32.12
CA PRO D 77 -12.42 -6.31 -32.55
C PRO D 77 -11.15 -6.78 -31.87
N THR D 78 -10.15 -5.91 -31.71
CA THR D 78 -8.88 -6.31 -31.12
C THR D 78 -8.87 -6.22 -29.60
N TYR D 79 -10.02 -6.02 -28.98
CA TYR D 79 -10.11 -6.14 -27.53
C TYR D 79 -9.71 -7.55 -27.11
N PRO D 80 -8.98 -7.73 -26.00
CA PRO D 80 -8.59 -6.71 -25.01
C PRO D 80 -7.23 -6.06 -25.25
N ASP D 81 -6.62 -6.27 -26.41
CA ASP D 81 -5.37 -5.58 -26.70
C ASP D 81 -5.57 -4.08 -26.90
N VAL D 82 -6.82 -3.63 -27.07
CA VAL D 82 -7.16 -2.22 -27.11
C VAL D 82 -8.28 -2.00 -26.11
N VAL D 83 -8.45 -0.73 -25.72
CA VAL D 83 -9.44 -0.38 -24.70
C VAL D 83 -10.84 -0.48 -25.27
N PRO D 84 -11.83 -0.87 -24.47
CA PRO D 84 -13.21 -0.90 -24.94
C PRO D 84 -13.89 0.46 -24.75
N GLU D 85 -15.05 0.60 -25.39
CA GLU D 85 -15.86 1.80 -25.25
C GLU D 85 -16.70 1.68 -23.99
N ILE D 86 -16.49 2.59 -23.04
CA ILE D 86 -17.14 2.55 -21.73
C ILE D 86 -18.20 3.64 -21.68
N GLU D 87 -19.33 3.33 -21.05
CA GLU D 87 -20.39 4.30 -20.85
C GLU D 87 -21.10 3.99 -19.53
N LEU D 88 -21.46 5.05 -18.81
CA LEU D 88 -22.19 4.94 -17.56
C LEU D 88 -23.61 5.44 -17.79
N LYS D 89 -24.60 4.57 -17.51
CA LYS D 89 -25.99 4.88 -17.81
C LYS D 89 -26.87 4.56 -16.62
N ASN D 90 -28.02 5.23 -16.56
CA ASN D 90 -29.08 4.96 -15.60
C ASN D 90 -28.57 5.03 -14.16
N ALA D 91 -27.86 6.11 -13.85
CA ALA D 91 -27.36 6.32 -12.51
C ALA D 91 -28.49 6.77 -11.59
N LYS D 92 -28.71 6.04 -10.50
CA LYS D 92 -29.73 6.36 -9.52
C LYS D 92 -29.06 6.61 -8.18
N GLY D 93 -29.19 7.85 -7.69
CA GLY D 93 -28.53 8.25 -6.46
C GLY D 93 -27.13 8.79 -6.62
N LEU D 94 -26.69 9.02 -7.86
CA LEU D 94 -25.36 9.57 -8.14
C LEU D 94 -25.52 10.91 -8.83
N SER D 95 -24.80 11.91 -8.34
CA SER D 95 -24.78 13.20 -9.01
C SER D 95 -24.00 13.12 -10.32
N ASN D 96 -24.24 14.09 -11.19
CA ASN D 96 -23.51 14.14 -12.44
C ASN D 96 -22.00 14.32 -12.24
N GLU D 97 -21.60 14.89 -11.10
CA GLU D 97 -20.18 14.97 -10.77
C GLU D 97 -19.60 13.57 -10.54
N SER D 98 -20.30 12.75 -9.76
CA SER D 98 -19.79 11.42 -9.46
C SER D 98 -19.77 10.53 -10.69
N VAL D 99 -20.80 10.64 -11.54
CA VAL D 99 -20.84 9.83 -12.76
C VAL D 99 -19.72 10.22 -13.71
N ASN D 100 -19.47 11.52 -13.85
CA ASN D 100 -18.37 11.96 -14.71
C ASN D 100 -17.02 11.60 -14.11
N LEU D 101 -16.89 11.71 -12.78
CA LEU D 101 -15.64 11.34 -12.12
C LEU D 101 -15.37 9.85 -12.25
N LEU D 102 -16.42 9.03 -12.17
CA LEU D 102 -16.24 7.59 -12.24
C LEU D 102 -15.78 7.14 -13.63
N LYS D 103 -16.41 7.68 -14.68
CA LYS D 103 -16.04 7.26 -16.03
C LYS D 103 -14.60 7.70 -16.37
N SER D 104 -14.21 8.88 -15.92
CA SER D 104 -12.83 9.33 -16.13
C SER D 104 -11.84 8.38 -15.47
N ARG D 105 -12.14 7.94 -14.24
CA ARG D 105 -11.28 6.96 -13.57
C ARG D 105 -11.38 5.59 -14.22
N LEU D 106 -12.55 5.24 -14.77
CA LEU D 106 -12.69 3.95 -15.44
C LEU D 106 -11.87 3.89 -16.72
N GLU D 107 -11.88 4.97 -17.50
CA GLU D 107 -11.12 4.99 -18.75
C GLU D 107 -9.62 4.96 -18.50
N GLU D 108 -9.16 5.55 -17.40
CA GLU D 108 -7.74 5.50 -17.08
C GLU D 108 -7.32 4.10 -16.66
N LEU D 109 -8.18 3.41 -15.90
CA LEU D 109 -7.86 2.04 -15.51
C LEU D 109 -7.93 1.09 -16.69
N ALA D 110 -8.81 1.37 -17.66
CA ALA D 110 -8.88 0.53 -18.85
C ALA D 110 -7.61 0.63 -19.68
N LYS D 111 -6.98 1.80 -19.72
CA LYS D 111 -5.73 1.96 -20.46
C LYS D 111 -4.62 1.15 -19.81
N LYS D 112 -4.59 1.10 -18.48
CA LYS D 112 -3.57 0.33 -17.77
C LYS D 112 -3.83 -1.17 -17.82
N HIS D 113 -5.07 -1.59 -18.12
CA HIS D 113 -5.45 -2.99 -18.13
C HIS D 113 -5.40 -3.60 -19.53
N CYS D 114 -4.73 -2.96 -20.47
CA CYS D 114 -4.65 -3.48 -21.82
C CYS D 114 -3.85 -4.77 -21.86
N GLY D 115 -4.28 -5.71 -22.70
CA GLY D 115 -3.65 -7.01 -22.84
C GLY D 115 -4.46 -8.16 -22.27
N GLU D 116 -5.44 -7.87 -21.41
CA GLU D 116 -6.29 -8.90 -20.84
C GLU D 116 -7.67 -8.32 -20.61
N VAL D 117 -8.68 -9.20 -20.62
CA VAL D 117 -10.06 -8.76 -20.43
C VAL D 117 -10.19 -8.02 -19.11
N MET D 118 -10.95 -6.92 -19.13
CA MET D 118 -10.94 -5.97 -18.02
C MET D 118 -12.33 -5.58 -17.53
N ILE D 119 -13.39 -6.19 -18.04
CA ILE D 119 -14.73 -5.78 -17.64
C ILE D 119 -14.99 -6.13 -16.18
N PHE D 120 -14.39 -7.22 -15.68
CA PHE D 120 -14.54 -7.57 -14.28
C PHE D 120 -13.93 -6.51 -13.38
N GLU D 121 -12.71 -6.07 -13.67
CA GLU D 121 -12.06 -5.07 -12.85
C GLU D 121 -12.73 -3.71 -12.98
N LEU D 122 -13.26 -3.39 -14.17
CA LEU D 122 -14.06 -2.18 -14.30
C LEU D 122 -15.32 -2.27 -13.46
N ALA D 123 -15.99 -3.42 -13.47
CA ALA D 123 -17.17 -3.61 -12.64
C ALA D 123 -16.84 -3.57 -11.17
N TYR D 124 -15.67 -4.08 -10.78
CA TYR D 124 -15.27 -4.02 -9.38
C TYR D 124 -15.01 -2.59 -8.93
N HIS D 125 -14.35 -1.79 -9.78
CA HIS D 125 -14.07 -0.41 -9.41
C HIS D 125 -15.33 0.43 -9.34
N VAL D 126 -16.35 0.08 -10.14
CA VAL D 126 -17.63 0.78 -10.04
C VAL D 126 -18.32 0.44 -8.73
N GLN D 127 -18.38 -0.85 -8.39
CA GLN D 127 -19.03 -1.27 -7.15
C GLN D 127 -18.29 -0.72 -5.93
N SER D 128 -16.97 -0.59 -6.02
CA SER D 128 -16.23 0.06 -4.93
C SER D 128 -16.56 1.55 -4.87
N PHE D 129 -16.66 2.19 -6.03
CA PHE D 129 -17.02 3.61 -6.07
C PHE D 129 -18.42 3.84 -5.52
N LEU D 130 -19.34 2.92 -5.79
CA LEU D 130 -20.70 3.07 -5.27
C LEU D 130 -20.75 2.92 -3.76
N SER D 131 -19.84 2.13 -3.18
CA SER D 131 -19.80 1.99 -1.73
C SER D 131 -19.31 3.27 -1.06
N GLU D 132 -18.28 3.90 -1.63
CA GLU D 132 -17.76 5.14 -1.07
C GLU D 132 -18.76 6.28 -1.15
N HIS D 133 -19.75 6.19 -2.05
CA HIS D 133 -20.77 7.21 -2.21
C HIS D 133 -22.13 6.74 -1.70
N ASN D 134 -22.13 5.94 -0.63
CA ASN D 134 -23.38 5.44 -0.06
C ASN D 134 -23.71 6.14 1.26
N HIS E 6 4.31 34.73 -11.65
CA HIS E 6 3.39 33.74 -11.12
C HIS E 6 2.48 34.35 -10.05
N HIS E 7 1.26 34.72 -10.44
CA HIS E 7 0.30 35.33 -9.54
C HIS E 7 -0.93 34.46 -9.30
N HIS E 8 -0.87 33.19 -9.68
CA HIS E 8 -2.00 32.28 -9.50
C HIS E 8 -2.03 31.75 -8.07
N HIS E 9 -3.14 31.09 -7.74
CA HIS E 9 -3.28 30.38 -6.48
C HIS E 9 -3.29 28.89 -6.75
N HIS E 10 -2.62 28.12 -5.88
CA HIS E 10 -2.48 26.69 -6.11
C HIS E 10 -3.83 25.99 -6.12
N SER E 11 -4.64 26.22 -5.10
CA SER E 11 -5.97 25.63 -5.06
C SER E 11 -6.85 26.24 -6.14
N GLY E 12 -7.72 25.41 -6.72
CA GLY E 12 -8.60 25.85 -7.77
C GLY E 12 -7.98 25.89 -9.15
N GLU E 13 -6.72 25.49 -9.30
CA GLU E 13 -6.11 25.43 -10.61
C GLU E 13 -6.71 24.30 -11.45
N SER E 14 -6.80 24.53 -12.75
CA SER E 14 -7.28 23.50 -13.65
C SER E 14 -6.16 22.49 -13.93
N TYR E 15 -6.57 21.34 -14.49
CA TYR E 15 -5.58 20.31 -14.81
C TYR E 15 -4.50 20.79 -15.77
N PRO E 16 -4.80 21.53 -16.86
CA PRO E 16 -3.70 22.03 -17.69
C PRO E 16 -2.78 23.00 -16.96
N GLN E 17 -3.32 23.81 -16.05
CA GLN E 17 -2.48 24.75 -15.30
C GLN E 17 -1.51 24.01 -14.39
N ARG E 18 -2.02 23.02 -13.64
CA ARG E 18 -1.15 22.27 -12.72
C ARG E 18 -0.07 21.51 -13.49
N GLN E 19 -0.41 20.98 -14.66
CA GLN E 19 0.57 20.23 -15.44
C GLN E 19 1.61 21.15 -16.06
N ASP E 20 1.17 22.29 -16.62
CA ASP E 20 2.12 23.23 -17.19
C ASP E 20 3.03 23.83 -16.13
N HIS E 21 2.53 24.04 -14.92
CA HIS E 21 3.36 24.57 -13.85
C HIS E 21 4.38 23.56 -13.36
N GLU E 22 4.02 22.26 -13.38
CA GLU E 22 4.98 21.24 -12.98
C GLU E 22 6.13 21.14 -13.97
N LEU E 23 5.84 21.31 -15.26
CA LEU E 23 6.90 21.24 -16.27
C LEU E 23 7.87 22.41 -16.13
N GLN E 24 7.36 23.59 -15.79
CA GLN E 24 8.25 24.72 -15.52
C GLN E 24 9.09 24.46 -14.28
N ALA E 25 8.51 23.81 -13.27
CA ALA E 25 9.26 23.49 -12.06
C ALA E 25 10.29 22.39 -12.33
N LEU E 26 9.91 21.37 -13.10
CA LEU E 26 10.87 20.32 -13.46
C LEU E 26 12.01 20.88 -14.31
N GLU E 27 11.68 21.77 -15.26
CA GLU E 27 12.72 22.37 -16.09
C GLU E 27 13.67 23.22 -15.26
N ALA E 28 13.18 23.85 -14.20
CA ALA E 28 14.04 24.68 -13.37
C ALA E 28 14.97 23.84 -12.52
N ILE E 29 14.50 22.68 -12.05
CA ILE E 29 15.29 21.86 -11.13
C ILE E 29 16.29 21.01 -11.91
N TYR E 30 15.85 20.37 -12.98
CA TYR E 30 16.69 19.41 -13.69
C TYR E 30 17.38 19.98 -14.92
N GLY E 31 16.85 21.06 -15.49
CA GLY E 31 17.55 21.76 -16.55
C GLY E 31 17.77 20.89 -17.77
N ALA E 32 19.04 20.69 -18.13
CA ALA E 32 19.38 19.92 -19.33
C ALA E 32 19.03 18.45 -19.20
N ASP E 33 18.89 17.93 -17.98
CA ASP E 33 18.45 16.55 -17.79
C ASP E 33 16.97 16.36 -18.08
N PHE E 34 16.22 17.45 -18.23
CA PHE E 34 14.78 17.41 -18.49
C PHE E 34 14.54 17.75 -19.96
N GLN E 35 13.73 16.93 -20.62
CA GLN E 35 13.36 17.16 -22.01
C GLN E 35 11.85 17.08 -22.14
N ASP E 36 11.26 18.04 -22.86
CA ASP E 36 9.85 18.00 -23.21
C ASP E 36 9.71 17.28 -24.54
N LEU E 37 9.10 16.09 -24.51
CA LEU E 37 8.95 15.27 -25.70
C LEU E 37 7.76 15.70 -26.57
N ARG E 38 7.23 16.89 -26.37
CA ARG E 38 6.09 17.34 -27.15
C ARG E 38 6.52 18.32 -28.24
N PRO E 39 5.86 18.29 -29.40
CA PRO E 39 6.12 19.29 -30.43
C PRO E 39 5.51 20.64 -30.08
N ASP E 40 5.54 21.58 -31.03
CA ASP E 40 5.01 22.91 -30.81
C ASP E 40 3.56 22.85 -30.32
N ALA E 41 3.15 23.88 -29.59
CA ALA E 41 1.84 23.90 -28.95
C ALA E 41 0.74 23.99 -30.00
N CYS E 42 -0.51 24.00 -29.51
CA CYS E 42 -1.69 23.98 -30.37
C CYS E 42 -2.55 25.21 -30.13
N GLY E 43 -3.39 25.51 -31.12
CA GLY E 43 -4.41 26.52 -30.98
C GLY E 43 -5.54 26.04 -30.08
N PRO E 44 -6.04 24.82 -30.33
CA PRO E 44 -6.91 24.17 -29.34
C PRO E 44 -6.12 23.65 -28.15
N VAL E 45 -6.79 22.88 -27.29
CA VAL E 45 -6.19 22.29 -26.08
C VAL E 45 -4.85 21.64 -26.39
N LYS E 46 -3.91 21.74 -25.46
CA LYS E 46 -2.58 21.20 -25.66
C LYS E 46 -2.56 19.69 -25.43
N GLU E 47 -1.50 19.05 -25.94
CA GLU E 47 -1.36 17.61 -25.82
C GLU E 47 -1.01 17.22 -24.39
N PRO E 48 -1.30 15.99 -23.98
CA PRO E 48 -0.86 15.50 -22.68
C PRO E 48 0.66 15.50 -22.60
N PRO E 49 1.22 16.05 -21.52
CA PRO E 49 2.67 16.21 -21.45
C PRO E 49 3.38 14.86 -21.30
N GLU E 50 4.41 14.66 -22.11
CA GLU E 50 5.33 13.53 -21.98
C GLU E 50 6.73 14.09 -21.79
N ILE E 51 7.39 13.69 -20.70
CA ILE E 51 8.68 14.23 -20.33
C ILE E 51 9.69 13.11 -20.20
N ASN E 52 10.96 13.47 -20.31
CA ASN E 52 12.08 12.56 -20.13
C ASN E 52 13.05 13.16 -19.13
N LEU E 53 13.40 12.40 -18.10
CA LEU E 53 14.29 12.85 -17.04
C LEU E 53 15.48 11.91 -16.96
N VAL E 54 16.67 12.43 -17.25
CA VAL E 54 17.90 11.67 -17.07
C VAL E 54 18.30 11.78 -15.60
N LEU E 55 18.19 10.69 -14.86
CA LEU E 55 18.39 10.68 -13.42
C LEU E 55 19.66 9.92 -13.06
N TYR E 56 20.34 10.40 -12.03
CA TYR E 56 21.58 9.84 -11.52
C TYR E 56 21.47 9.65 -10.02
N PRO E 57 22.34 8.84 -9.41
CA PRO E 57 22.26 8.63 -7.96
C PRO E 57 22.42 9.92 -7.19
N GLN E 58 22.09 9.84 -5.90
CA GLN E 58 22.09 11.01 -5.03
C GLN E 58 23.50 11.29 -4.52
N GLY E 59 23.91 12.55 -4.60
CA GLY E 59 25.20 12.99 -4.07
C GLY E 59 26.41 12.30 -4.66
N LEU E 60 26.59 12.41 -5.98
CA LEU E 60 27.72 11.78 -6.63
C LEU E 60 29.03 12.41 -6.18
N THR E 61 30.05 11.58 -6.00
CA THR E 61 31.34 12.12 -5.61
C THR E 61 32.37 12.05 -6.73
N GLY E 62 32.08 11.33 -7.81
CA GLY E 62 33.00 11.17 -8.91
C GLY E 62 33.92 9.97 -8.79
N GLU E 63 34.01 9.37 -7.61
CA GLU E 63 34.81 8.17 -7.37
C GLU E 63 33.98 6.89 -7.36
N GLU E 64 32.65 6.99 -7.48
CA GLU E 64 31.83 5.79 -7.52
C GLU E 64 31.56 5.38 -8.97
N VAL E 65 31.14 4.12 -9.11
CA VAL E 65 30.50 3.64 -10.33
C VAL E 65 28.99 3.82 -10.14
N TYR E 66 28.38 4.65 -10.99
CA TYR E 66 26.98 5.02 -10.83
C TYR E 66 26.13 4.36 -11.91
N VAL E 67 24.93 3.95 -11.51
CA VAL E 67 23.92 3.52 -12.47
C VAL E 67 23.10 4.72 -12.88
N LYS E 68 22.40 4.58 -14.01
CA LYS E 68 21.56 5.67 -14.50
C LYS E 68 20.38 5.09 -15.25
N VAL E 69 19.31 5.89 -15.32
CA VAL E 69 18.09 5.49 -16.01
C VAL E 69 17.31 6.75 -16.34
N ASP E 70 16.50 6.68 -17.39
CA ASP E 70 15.70 7.81 -17.84
C ASP E 70 14.25 7.59 -17.44
N LEU E 71 13.70 8.52 -16.65
CA LEU E 71 12.30 8.47 -16.24
C LEU E 71 11.45 9.14 -17.30
N ARG E 72 10.58 8.35 -17.94
CA ARG E 72 9.70 8.84 -18.99
C ARG E 72 8.27 8.78 -18.46
N VAL E 73 7.65 9.94 -18.30
CA VAL E 73 6.33 10.07 -17.70
C VAL E 73 5.41 10.79 -18.67
N LYS E 74 4.22 10.22 -18.88
CA LYS E 74 3.17 10.85 -19.68
C LYS E 74 1.97 11.11 -18.77
N CYS E 75 1.49 12.36 -18.75
CA CYS E 75 0.46 12.77 -17.83
C CYS E 75 -0.90 12.73 -18.52
N PRO E 76 -1.84 11.93 -18.04
CA PRO E 76 -3.19 11.93 -18.60
C PRO E 76 -3.90 13.25 -18.33
N PRO E 77 -5.03 13.51 -18.98
CA PRO E 77 -5.69 14.81 -18.81
C PRO E 77 -6.09 15.13 -17.38
N THR E 78 -6.51 14.15 -16.59
CA THR E 78 -6.92 14.40 -15.21
C THR E 78 -5.79 14.23 -14.20
N TYR E 79 -4.55 14.14 -14.67
CA TYR E 79 -3.41 14.16 -13.77
C TYR E 79 -3.37 15.49 -13.02
N PRO E 80 -3.01 15.51 -11.73
CA PRO E 80 -2.52 14.39 -10.93
C PRO E 80 -3.57 13.66 -10.09
N ASP E 81 -4.85 13.81 -10.42
CA ASP E 81 -5.88 13.07 -9.70
C ASP E 81 -5.93 11.60 -10.10
N VAL E 82 -5.29 11.23 -11.21
CA VAL E 82 -5.06 9.85 -11.58
C VAL E 82 -3.56 9.68 -11.82
N VAL E 83 -3.09 8.44 -11.70
CA VAL E 83 -1.67 8.14 -11.82
C VAL E 83 -1.22 8.36 -13.26
N PRO E 84 0.01 8.81 -13.49
CA PRO E 84 0.52 8.97 -14.85
C PRO E 84 1.11 7.67 -15.37
N GLU E 85 1.41 7.67 -16.67
CA GLU E 85 2.07 6.53 -17.30
C GLU E 85 3.57 6.63 -17.07
N ILE E 86 4.14 5.65 -16.38
CA ILE E 86 5.54 5.66 -15.97
C ILE E 86 6.29 4.60 -16.76
N GLU E 87 7.40 4.99 -17.36
CA GLU E 87 8.27 4.08 -18.09
C GLU E 87 9.71 4.37 -17.74
N LEU E 88 10.48 3.32 -17.49
CA LEU E 88 11.91 3.43 -17.20
C LEU E 88 12.69 2.98 -18.44
N LYS E 89 13.48 3.89 -18.99
CA LYS E 89 14.16 3.65 -20.26
C LYS E 89 15.65 3.93 -20.12
N ASN E 90 16.44 3.27 -20.98
CA ASN E 90 17.87 3.53 -21.10
C ASN E 90 18.60 3.31 -19.78
N ALA E 91 18.32 2.18 -19.13
CA ALA E 91 18.99 1.84 -17.89
C ALA E 91 20.43 1.41 -18.18
N LYS E 92 21.37 2.02 -17.47
CA LYS E 92 22.79 1.70 -17.60
C LYS E 92 23.28 1.16 -16.27
N GLY E 93 23.74 -0.08 -16.26
CA GLY E 93 24.21 -0.71 -15.04
C GLY E 93 23.14 -1.34 -14.19
N LEU E 94 21.91 -1.43 -14.68
CA LEU E 94 20.80 -2.05 -13.95
C LEU E 94 20.31 -3.24 -14.73
N SER E 95 20.08 -4.36 -14.03
CA SER E 95 19.51 -5.52 -14.66
C SER E 95 18.02 -5.28 -14.96
N ASN E 96 17.46 -6.17 -15.79
CA ASN E 96 16.05 -6.04 -16.14
C ASN E 96 15.15 -6.25 -14.94
N GLU E 97 15.55 -7.12 -14.01
CA GLU E 97 14.75 -7.31 -12.80
C GLU E 97 14.85 -6.09 -11.90
N SER E 98 16.02 -5.45 -11.84
CA SER E 98 16.17 -4.24 -11.03
C SER E 98 15.29 -3.11 -11.55
N VAL E 99 15.24 -2.94 -12.88
CA VAL E 99 14.40 -1.91 -13.45
C VAL E 99 12.93 -2.20 -13.20
N ASN E 100 12.52 -3.47 -13.37
CA ASN E 100 11.14 -3.83 -13.11
C ASN E 100 10.79 -3.67 -11.63
N LEU E 101 11.75 -3.93 -10.74
CA LEU E 101 11.53 -3.69 -9.32
C LEU E 101 11.34 -2.20 -9.05
N LEU E 102 12.18 -1.36 -9.66
CA LEU E 102 12.02 0.08 -9.50
C LEU E 102 10.73 0.58 -10.16
N LYS E 103 10.36 -0.01 -11.30
CA LYS E 103 9.15 0.41 -11.98
C LYS E 103 7.90 0.06 -11.17
N SER E 104 7.93 -1.06 -10.44
CA SER E 104 6.80 -1.41 -9.59
C SER E 104 6.72 -0.52 -8.37
N ARG E 105 7.87 -0.17 -7.79
CA ARG E 105 7.88 0.74 -6.65
C ARG E 105 7.35 2.12 -7.03
N LEU E 106 7.67 2.58 -8.24
CA LEU E 106 7.16 3.86 -8.69
C LEU E 106 5.66 3.81 -8.93
N GLU E 107 5.15 2.69 -9.43
CA GLU E 107 3.71 2.56 -9.65
C GLU E 107 2.95 2.59 -8.33
N GLU E 108 3.47 1.94 -7.30
CA GLU E 108 2.83 1.98 -5.99
C GLU E 108 2.94 3.37 -5.36
N LEU E 109 4.06 4.06 -5.60
CA LEU E 109 4.21 5.42 -5.07
C LEU E 109 3.24 6.38 -5.76
N ALA E 110 3.01 6.20 -7.07
CA ALA E 110 2.12 7.07 -7.79
C ALA E 110 0.68 6.92 -7.30
N LYS E 111 0.28 5.72 -6.90
CA LYS E 111 -1.07 5.53 -6.38
C LYS E 111 -1.27 6.24 -5.05
N LYS E 112 -0.25 6.25 -4.20
CA LYS E 112 -0.33 6.92 -2.91
C LYS E 112 -0.18 8.43 -3.03
N HIS E 113 0.35 8.93 -4.14
CA HIS E 113 0.61 10.35 -4.33
C HIS E 113 -0.48 11.04 -5.14
N CYS E 114 -1.64 10.40 -5.33
CA CYS E 114 -2.70 10.99 -6.13
C CYS E 114 -3.23 12.25 -5.45
N GLY E 115 -3.66 13.20 -6.29
CA GLY E 115 -4.16 14.48 -5.82
C GLY E 115 -3.17 15.61 -5.95
N GLU E 116 -1.88 15.31 -6.12
CA GLU E 116 -0.86 16.34 -6.26
C GLU E 116 0.20 15.85 -7.24
N VAL E 117 0.82 16.79 -7.94
CA VAL E 117 1.85 16.45 -8.92
C VAL E 117 2.96 15.67 -8.22
N MET E 118 3.46 14.62 -8.89
CA MET E 118 4.28 13.62 -8.23
C MET E 118 5.56 13.27 -8.98
N ILE E 119 5.90 14.00 -10.05
CA ILE E 119 7.08 13.62 -10.82
C ILE E 119 8.36 13.88 -10.04
N PHE E 120 8.35 14.87 -9.14
CA PHE E 120 9.53 15.13 -8.31
C PHE E 120 9.79 13.97 -7.37
N GLU E 121 8.76 13.51 -6.65
CA GLU E 121 8.94 12.41 -5.72
C GLU E 121 9.24 11.10 -6.44
N LEU E 122 8.67 10.91 -7.64
CA LEU E 122 9.06 9.77 -8.46
C LEU E 122 10.53 9.86 -8.84
N ALA E 123 10.98 11.06 -9.24
CA ALA E 123 12.39 11.24 -9.58
C ALA E 123 13.29 11.10 -8.36
N TYR E 124 12.80 11.52 -7.19
CA TYR E 124 13.60 11.37 -5.97
C TYR E 124 13.81 9.92 -5.60
N HIS E 125 12.75 9.10 -5.70
CA HIS E 125 12.88 7.69 -5.36
C HIS E 125 13.71 6.93 -6.37
N VAL E 126 13.74 7.39 -7.62
CA VAL E 126 14.64 6.80 -8.60
C VAL E 126 16.08 7.09 -8.24
N GLN E 127 16.40 8.36 -7.94
CA GLN E 127 17.75 8.74 -7.57
C GLN E 127 18.21 8.00 -6.32
N SER E 128 17.31 7.83 -5.35
CA SER E 128 17.65 7.05 -4.16
C SER E 128 17.90 5.60 -4.53
N PHE E 129 17.06 5.04 -5.40
CA PHE E 129 17.27 3.67 -5.86
C PHE E 129 18.59 3.53 -6.61
N LEU E 130 18.95 4.54 -7.39
CA LEU E 130 20.22 4.50 -8.11
C LEU E 130 21.40 4.56 -7.16
N SER E 131 21.28 5.34 -6.07
CA SER E 131 22.36 5.43 -5.10
C SER E 131 22.61 4.11 -4.41
N GLU E 132 21.55 3.30 -4.21
CA GLU E 132 21.72 2.00 -3.57
C GLU E 132 22.50 1.02 -4.43
N HIS E 133 22.65 1.31 -5.73
CA HIS E 133 23.38 0.43 -6.65
C HIS E 133 24.77 0.95 -6.97
N ASN E 134 25.36 1.73 -6.06
CA ASN E 134 26.71 2.26 -6.26
C ASN E 134 27.75 1.32 -5.64
N HIS F 6 17.42 27.31 -18.70
CA HIS F 6 18.10 26.40 -17.79
C HIS F 6 18.91 25.35 -18.56
N HIS F 7 20.24 25.49 -18.54
CA HIS F 7 21.14 24.58 -19.23
C HIS F 7 22.02 23.79 -18.28
N HIS F 8 21.78 23.88 -16.97
CA HIS F 8 22.59 23.19 -15.99
C HIS F 8 22.26 21.71 -15.97
N HIS F 9 23.16 20.93 -15.38
CA HIS F 9 22.94 19.51 -15.09
C HIS F 9 22.71 19.34 -13.59
N HIS F 10 21.85 18.37 -13.25
CA HIS F 10 21.39 18.24 -11.87
C HIS F 10 22.44 17.61 -10.95
N SER F 11 23.31 16.75 -11.48
CA SER F 11 24.19 15.97 -10.63
C SER F 11 25.22 16.86 -9.93
N GLY F 12 25.86 17.74 -10.67
CA GLY F 12 26.97 18.52 -10.14
C GLY F 12 26.61 19.87 -9.57
N GLU F 13 25.32 20.10 -9.30
CA GLU F 13 24.89 21.40 -8.80
C GLU F 13 25.42 21.65 -7.40
N SER F 14 25.76 22.90 -7.12
CA SER F 14 26.16 23.31 -5.79
C SER F 14 24.93 23.60 -4.93
N TYR F 15 25.15 23.69 -3.62
CA TYR F 15 24.04 23.96 -2.70
C TYR F 15 23.30 25.25 -3.03
N PRO F 16 23.95 26.38 -3.30
CA PRO F 16 23.18 27.57 -3.69
C PRO F 16 22.42 27.40 -4.99
N GLN F 17 22.95 26.60 -5.93
CA GLN F 17 22.21 26.36 -7.17
C GLN F 17 20.96 25.53 -6.93
N ARG F 18 21.06 24.49 -6.10
CA ARG F 18 19.91 23.64 -5.82
C ARG F 18 18.85 24.40 -5.02
N GLN F 19 19.27 25.29 -4.13
CA GLN F 19 18.29 26.07 -3.36
C GLN F 19 17.61 27.12 -4.22
N ASP F 20 18.38 27.80 -5.08
CA ASP F 20 17.79 28.81 -5.95
C ASP F 20 16.85 28.18 -6.98
N HIS F 21 17.18 26.98 -7.46
CA HIS F 21 16.31 26.31 -8.43
C HIS F 21 15.03 25.80 -7.78
N GLU F 22 15.11 25.37 -6.52
CA GLU F 22 13.91 24.93 -5.82
C GLU F 22 12.94 26.10 -5.59
N LEU F 23 13.47 27.31 -5.41
CA LEU F 23 12.62 28.46 -5.19
C LEU F 23 11.92 28.91 -6.47
N GLN F 24 12.58 28.76 -7.61
CA GLN F 24 11.90 29.02 -8.88
C GLN F 24 10.84 27.96 -9.14
N ALA F 25 11.08 26.72 -8.70
CA ALA F 25 10.07 25.67 -8.85
C ALA F 25 8.90 25.89 -7.92
N LEU F 26 9.17 26.26 -6.66
CA LEU F 26 8.09 26.53 -5.71
C LEU F 26 7.24 27.70 -6.16
N GLU F 27 7.88 28.75 -6.69
CA GLU F 27 7.14 29.91 -7.17
C GLU F 27 6.26 29.57 -8.36
N ALA F 28 6.76 28.71 -9.26
CA ALA F 28 5.99 28.36 -10.45
C ALA F 28 4.78 27.50 -10.11
N ILE F 29 4.86 26.69 -9.07
CA ILE F 29 3.77 25.78 -8.73
C ILE F 29 2.75 26.42 -7.81
N TYR F 30 3.21 27.18 -6.81
CA TYR F 30 2.29 27.74 -5.82
C TYR F 30 1.97 29.21 -6.06
N GLY F 31 2.81 29.94 -6.79
CA GLY F 31 2.46 31.29 -7.19
C GLY F 31 2.27 32.22 -6.02
N ALA F 32 1.05 32.77 -5.89
CA ALA F 32 0.78 33.77 -4.87
C ALA F 32 0.76 33.17 -3.47
N ASP F 33 0.59 31.85 -3.34
CA ASP F 33 0.67 31.20 -2.05
C ASP F 33 2.11 31.02 -1.57
N PHE F 34 3.09 31.29 -2.42
CA PHE F 34 4.49 31.19 -2.07
C PHE F 34 5.07 32.57 -1.84
N GLN F 35 5.93 32.70 -0.83
CA GLN F 35 6.52 33.98 -0.47
C GLN F 35 7.95 33.78 0.00
N ASP F 36 8.88 34.51 -0.61
CA ASP F 36 10.27 34.51 -0.20
C ASP F 36 10.45 35.55 0.90
N LEU F 37 10.75 35.09 2.12
CA LEU F 37 10.82 35.99 3.27
C LEU F 37 12.15 36.70 3.39
N ARG F 38 13.21 36.20 2.75
CA ARG F 38 14.50 36.84 2.89
C ARG F 38 14.57 38.12 2.05
N PRO F 39 15.31 39.12 2.50
CA PRO F 39 15.44 40.35 1.73
C PRO F 39 16.33 40.17 0.51
N ASP F 40 16.60 41.27 -0.21
CA ASP F 40 17.49 41.21 -1.37
C ASP F 40 18.91 41.04 -0.84
N ALA F 41 19.26 39.79 -0.55
CA ALA F 41 20.55 39.46 0.06
C ALA F 41 21.69 39.85 -0.86
N CYS F 42 22.45 40.88 -0.48
CA CYS F 42 23.55 41.38 -1.27
C CYS F 42 24.84 41.14 -0.50
N GLY F 43 25.55 40.08 -0.87
CA GLY F 43 26.82 39.74 -0.28
C GLY F 43 27.54 38.71 -1.15
N PRO F 44 28.74 38.32 -0.75
CA PRO F 44 29.45 37.29 -1.51
C PRO F 44 28.75 35.94 -1.49
N VAL F 45 28.09 35.60 -0.40
CA VAL F 45 27.32 34.36 -0.29
C VAL F 45 25.88 34.72 0.07
N LYS F 46 24.93 34.05 -0.60
CA LYS F 46 23.53 34.32 -0.36
C LYS F 46 23.09 33.83 1.01
N GLU F 47 22.18 34.56 1.64
CA GLU F 47 21.65 34.17 2.93
C GLU F 47 20.82 32.90 2.81
N PRO F 48 20.72 32.12 3.89
CA PRO F 48 19.87 30.92 3.86
C PRO F 48 18.43 31.27 3.56
N PRO F 49 17.82 30.60 2.59
CA PRO F 49 16.45 30.96 2.18
C PRO F 49 15.43 30.60 3.26
N GLU F 50 14.46 31.50 3.45
CA GLU F 50 13.31 31.24 4.31
C GLU F 50 12.06 31.48 3.48
N ILE F 51 11.16 30.49 3.46
CA ILE F 51 9.99 30.53 2.61
C ILE F 51 8.74 30.41 3.46
N ASN F 52 7.62 30.85 2.88
CA ASN F 52 6.30 30.76 3.50
C ASN F 52 5.32 30.22 2.47
N LEU F 53 4.68 29.11 2.78
CA LEU F 53 3.72 28.46 1.88
C LEU F 53 2.36 28.42 2.56
N VAL F 54 1.42 29.19 2.02
CA VAL F 54 0.03 29.11 2.48
C VAL F 54 -0.61 27.90 1.81
N LEU F 55 -0.90 26.88 2.59
CA LEU F 55 -1.38 25.61 2.06
C LEU F 55 -2.83 25.37 2.45
N TYR F 56 -3.54 24.64 1.60
CA TYR F 56 -4.96 24.37 1.72
C TYR F 56 -5.21 22.88 1.54
N PRO F 57 -6.36 22.39 1.98
CA PRO F 57 -6.66 20.96 1.78
C PRO F 57 -6.76 20.63 0.30
N GLN F 58 -6.21 19.49 -0.08
CA GLN F 58 -6.28 19.06 -1.46
C GLN F 58 -7.70 18.64 -1.82
N GLY F 59 -8.07 18.83 -3.07
CA GLY F 59 -9.43 18.58 -3.50
C GLY F 59 -10.44 19.49 -2.84
N LEU F 60 -10.08 20.75 -2.62
CA LEU F 60 -10.98 21.69 -1.96
C LEU F 60 -12.10 22.11 -2.91
N THR F 61 -13.34 22.02 -2.42
CA THR F 61 -14.51 22.41 -3.18
C THR F 61 -14.96 23.80 -2.76
N GLY F 62 -15.52 24.56 -3.71
CA GLY F 62 -15.97 25.91 -3.43
C GLY F 62 -17.15 26.00 -2.48
N GLU F 63 -17.79 24.89 -2.16
CA GLU F 63 -18.93 24.87 -1.24
C GLU F 63 -18.56 24.40 0.16
N GLU F 64 -17.28 24.15 0.43
CA GLU F 64 -16.84 23.65 1.72
C GLU F 64 -15.93 24.67 2.40
N VAL F 65 -15.94 24.64 3.74
CA VAL F 65 -14.97 25.43 4.48
C VAL F 65 -13.60 24.76 4.42
N TYR F 66 -12.56 25.56 4.60
CA TYR F 66 -11.20 25.09 4.45
C TYR F 66 -10.39 25.37 5.72
N VAL F 67 -9.67 24.37 6.18
CA VAL F 67 -8.64 24.58 7.19
C VAL F 67 -7.39 25.11 6.50
N LYS F 68 -6.55 25.81 7.27
CA LYS F 68 -5.41 26.48 6.67
C LYS F 68 -4.24 26.45 7.65
N VAL F 69 -3.03 26.32 7.08
CA VAL F 69 -1.79 26.44 7.84
C VAL F 69 -0.71 26.88 6.87
N ASP F 70 0.28 27.60 7.39
CA ASP F 70 1.38 28.13 6.59
C ASP F 70 2.65 27.33 6.89
N LEU F 71 3.23 26.75 5.85
CA LEU F 71 4.48 26.00 5.98
C LEU F 71 5.64 26.98 5.86
N ARG F 72 6.38 27.16 6.95
CA ARG F 72 7.51 28.07 7.00
C ARG F 72 8.79 27.25 7.10
N VAL F 73 9.65 27.35 6.09
CA VAL F 73 10.84 26.53 5.98
C VAL F 73 12.06 27.42 5.82
N LYS F 74 13.10 27.16 6.61
CA LYS F 74 14.40 27.80 6.46
C LYS F 74 15.42 26.73 6.09
N CYS F 75 16.16 26.97 5.00
CA CYS F 75 17.09 25.98 4.48
C CYS F 75 18.50 26.32 4.92
N PRO F 76 19.17 25.46 5.67
CA PRO F 76 20.58 25.70 6.04
C PRO F 76 21.46 25.74 4.81
N PRO F 77 22.70 26.25 4.94
CA PRO F 77 23.56 26.36 3.75
C PRO F 77 23.82 25.04 3.04
N THR F 78 23.87 23.93 3.75
CA THR F 78 24.14 22.63 3.14
C THR F 78 22.87 21.88 2.77
N TYR F 79 21.70 22.52 2.88
CA TYR F 79 20.48 21.92 2.39
C TYR F 79 20.60 21.61 0.90
N PRO F 80 20.07 20.48 0.42
CA PRO F 80 19.25 19.51 1.14
C PRO F 80 20.01 18.32 1.72
N ASP F 81 21.34 18.42 1.84
CA ASP F 81 22.07 17.36 2.52
C ASP F 81 21.85 17.38 4.03
N VAL F 82 21.24 18.43 4.56
CA VAL F 82 20.81 18.48 5.95
C VAL F 82 19.33 18.83 5.98
N VAL F 83 18.71 18.59 7.12
CA VAL F 83 17.27 18.81 7.30
C VAL F 83 17.00 20.30 7.47
N PRO F 84 15.97 20.85 6.84
CA PRO F 84 15.66 22.27 7.02
C PRO F 84 14.82 22.52 8.26
N GLU F 85 14.80 23.78 8.68
CA GLU F 85 13.97 24.18 9.80
C GLU F 85 12.52 24.31 9.35
N ILE F 86 11.63 23.60 10.03
CA ILE F 86 10.21 23.53 9.65
C ILE F 86 9.39 24.16 10.75
N GLU F 87 8.49 25.08 10.38
CA GLU F 87 7.58 25.72 11.31
C GLU F 87 6.19 25.77 10.69
N LEU F 88 5.17 25.54 11.50
CA LEU F 88 3.77 25.63 11.08
C LEU F 88 3.14 26.81 11.80
N LYS F 89 2.70 27.81 11.04
CA LYS F 89 2.18 29.04 11.59
C LYS F 89 0.80 29.33 11.03
N ASN F 90 0.02 30.11 11.79
CA ASN F 90 -1.29 30.60 11.38
C ASN F 90 -2.23 29.44 11.04
N ALA F 91 -2.39 28.53 12.01
CA ALA F 91 -3.30 27.41 11.83
C ALA F 91 -4.75 27.87 11.98
N LYS F 92 -5.60 27.43 11.07
CA LYS F 92 -7.02 27.77 11.08
C LYS F 92 -7.82 26.48 11.11
N GLY F 93 -8.63 26.32 12.16
CA GLY F 93 -9.45 25.13 12.29
C GLY F 93 -8.70 23.87 12.68
N LEU F 94 -7.48 24.00 13.19
CA LEU F 94 -6.67 22.86 13.60
C LEU F 94 -6.35 22.98 15.08
N SER F 95 -6.61 21.91 15.83
CA SER F 95 -6.22 21.87 17.23
C SER F 95 -4.69 21.89 17.34
N ASN F 96 -4.21 22.31 18.51
CA ASN F 96 -2.77 22.37 18.73
C ASN F 96 -2.15 20.97 18.70
N GLU F 97 -2.92 19.95 19.11
CA GLU F 97 -2.42 18.58 19.02
C GLU F 97 -2.26 18.15 17.57
N SER F 98 -3.16 18.60 16.69
CA SER F 98 -3.05 18.26 15.27
C SER F 98 -1.85 18.95 14.64
N VAL F 99 -1.62 20.23 14.98
CA VAL F 99 -0.48 20.96 14.44
C VAL F 99 0.82 20.34 14.94
N ASN F 100 0.85 19.92 16.20
CA ASN F 100 2.08 19.34 16.76
C ASN F 100 2.39 17.99 16.12
N LEU F 101 1.35 17.19 15.83
CA LEU F 101 1.57 15.91 15.19
C LEU F 101 2.01 16.08 13.74
N LEU F 102 1.41 17.05 13.04
CA LEU F 102 1.82 17.34 11.67
C LEU F 102 3.27 17.80 11.62
N LYS F 103 3.67 18.65 12.56
CA LYS F 103 5.06 19.10 12.61
C LYS F 103 6.00 17.94 12.91
N SER F 104 5.60 17.04 13.81
CA SER F 104 6.43 15.87 14.10
C SER F 104 6.52 14.95 12.89
N ARG F 105 5.42 14.78 12.15
CA ARG F 105 5.45 13.94 10.96
C ARG F 105 6.25 14.58 9.84
N LEU F 106 6.30 15.92 9.79
CA LEU F 106 7.08 16.59 8.76
C LEU F 106 8.58 16.47 9.05
N GLU F 107 8.96 16.52 10.32
CA GLU F 107 10.37 16.43 10.67
C GLU F 107 10.91 15.02 10.45
N GLU F 108 10.09 14.00 10.67
CA GLU F 108 10.50 12.63 10.34
C GLU F 108 10.61 12.45 8.83
N LEU F 109 9.66 13.02 8.07
CA LEU F 109 9.73 12.95 6.62
C LEU F 109 10.95 13.69 6.08
N ALA F 110 11.30 14.82 6.71
CA ALA F 110 12.48 15.56 6.29
C ALA F 110 13.76 14.76 6.52
N LYS F 111 13.80 13.94 7.58
CA LYS F 111 14.98 13.13 7.83
C LYS F 111 15.15 12.06 6.76
N LYS F 112 14.06 11.43 6.34
CA LYS F 112 14.14 10.40 5.32
C LYS F 112 14.38 10.97 3.93
N HIS F 113 14.14 12.27 3.73
CA HIS F 113 14.26 12.90 2.42
C HIS F 113 15.58 13.64 2.24
N CYS F 114 16.55 13.42 3.12
CA CYS F 114 17.84 14.09 2.98
C CYS F 114 18.55 13.62 1.71
N GLY F 115 19.26 14.55 1.07
CA GLY F 115 19.94 14.30 -0.18
C GLY F 115 19.30 14.95 -1.38
N GLU F 116 18.02 15.32 -1.29
CA GLU F 116 17.31 15.98 -2.38
C GLU F 116 16.33 16.98 -1.79
N VAL F 117 16.05 18.04 -2.56
CA VAL F 117 15.11 19.07 -2.12
C VAL F 117 13.77 18.45 -1.80
N MET F 118 13.16 18.88 -0.70
CA MET F 118 12.04 18.16 -0.11
C MET F 118 10.84 19.05 0.23
N ILE F 119 10.88 20.33 -0.13
CA ILE F 119 9.80 21.23 0.28
C ILE F 119 8.49 20.87 -0.42
N PHE F 120 8.56 20.31 -1.64
CA PHE F 120 7.34 19.89 -2.33
C PHE F 120 6.65 18.76 -1.58
N GLU F 121 7.42 17.73 -1.18
CA GLU F 121 6.83 16.61 -0.47
C GLU F 121 6.33 17.02 0.91
N LEU F 122 7.02 17.96 1.57
CA LEU F 122 6.52 18.48 2.83
C LEU F 122 5.20 19.22 2.63
N ALA F 123 5.12 20.04 1.58
CA ALA F 123 3.88 20.75 1.30
C ALA F 123 2.77 19.80 0.89
N TYR F 124 3.10 18.73 0.17
CA TYR F 124 2.10 17.75 -0.23
C TYR F 124 1.52 17.03 0.98
N HIS F 125 2.37 16.64 1.93
CA HIS F 125 1.88 15.94 3.10
C HIS F 125 1.07 16.87 4.00
N VAL F 126 1.35 18.17 3.98
CA VAL F 126 0.52 19.12 4.70
C VAL F 126 -0.87 19.20 4.06
N GLN F 127 -0.90 19.34 2.73
CA GLN F 127 -2.19 19.46 2.04
C GLN F 127 -3.05 18.21 2.24
N SER F 128 -2.40 17.05 2.28
CA SER F 128 -3.05 15.76 2.55
C SER F 128 -3.59 15.76 3.97
N PHE F 129 -2.74 16.17 4.92
CA PHE F 129 -3.13 16.22 6.32
C PHE F 129 -4.29 17.19 6.53
N LEU F 130 -4.27 18.33 5.85
CA LEU F 130 -5.35 19.30 5.96
C LEU F 130 -6.66 18.72 5.44
N SER F 131 -6.58 17.90 4.38
CA SER F 131 -7.80 17.36 3.79
C SER F 131 -8.45 16.33 4.71
N GLU F 132 -7.66 15.50 5.38
CA GLU F 132 -8.22 14.51 6.29
C GLU F 132 -8.76 15.15 7.56
N HIS F 133 -8.37 16.39 7.87
CA HIS F 133 -8.85 17.11 9.04
C HIS F 133 -9.84 18.21 8.66
N ASN F 134 -10.51 18.06 7.53
CA ASN F 134 -11.46 19.06 7.07
C ASN F 134 -12.89 18.61 7.37
#